data_9BVL
#
_entry.id   9BVL
#
_cell.length_a   1.00
_cell.length_b   1.00
_cell.length_c   1.00
_cell.angle_alpha   90.00
_cell.angle_beta   90.00
_cell.angle_gamma   90.00
#
_symmetry.space_group_name_H-M   'P 1'
#
loop_
_entity.id
_entity.type
_entity.pdbx_description
1 polymer 'Vitamin K-dependent gamma-carboxylase'
2 polymer 'Factor X light chain'
3 branched 2-acetamido-2-deoxy-beta-D-glucopyranose-(1-4)-2-acetamido-2-deoxy-beta-D-glucopyranose
4 non-polymer 'vitamin K1 hydroquinone'
5 non-polymer '(4S,7R)-4-HYDROXY-N,N,N-TRIMETHYL-9-OXO-7-[(PALMITOYLOXY)METHYL]-3,5,8-TRIOXA-4-PHOSPHAHEXACOSAN-1-AMINIUM 4-OXIDE'
6 non-polymer 2-acetamido-2-deoxy-beta-D-glucopyranose
#
loop_
_entity_poly.entity_id
_entity_poly.type
_entity_poly.pdbx_seq_one_letter_code
_entity_poly.pdbx_strand_id
1 'polypeptide(L)'
;GPRQDSRIGKLLGFEWTDLSSWRRLVTLLNRPTDPASLAVFRFLFGFLMVLDIPQERGLSSLDRKYLDGLDVCRFPLLDA
LRPLPLDWMYLVYTIMFLGALGMMLGLCYRISCVLFLLPYWYVFLLDKTSWNNHSYLYGLLAFQLTFMDANHYWSVDGLL
NAHRRNAHVPLWNYAVLRGQIFIVYFIAGVKKLDADWVEGYSMEYLSRHWLFSPFKLLLSEELTSLLVVHWGGLLLDLSA
GFLLFFDVSRSIGLFFVSYFHCMNSQLFSIGMFSYVMLASSPLFCSPEWPRKLVSYCPRRLQQLLPLKAAPQPSVSCVYK
RSRGKSGQKPGLRHQLGAAFTLLYLLEQLFLPYSHFLTQGYNNWTNGLYGYSWDMMVHSRSHQHVKITYRDGRTGELGYL
NPGVFTQSRRWKDHADMLKQYATCLSRLLPKYNVTEPQIYFDIWVSINDRFQQRIFDPRVDIVQAAWSPFQRTSWVQPLL
MDLSPWRAKLQEIKSSLDNHTEVVFIADFPGLHLENFVSEDLGNTSIQLLQGEVTVELVAEQKNQTLREGEKMQLPAGEY
HKVYTTSPSPSCYMYVYVNTTELALEQDLAYLQELKEKVENGSETGPLPPELQPLLEGEVKGGPEPTPLVQTFLRRQQRL
QEIERRRNTPFHERFFRFLLRKLYVFRRSFLMTCISLRNLILGRPSLEQLAQEVTYANLRPFEAVGELNPSNTDSSHSNP
PESNPDPVHSEF
;
A
2 'polypeptide(L)' ESLFIRREQANNILARVTRANSFLEEMKKGHLERECMEETCSYEEAREVFEDSDKTNEFWNKYK P
#
# COMPACT_ATOMS: atom_id res chain seq x y z
N ASP A 5 36.71 -28.90 -9.86
CA ASP A 5 37.50 -28.82 -11.07
C ASP A 5 36.62 -28.87 -12.31
N SER A 6 35.57 -29.68 -12.26
CA SER A 6 34.65 -29.81 -13.37
C SER A 6 33.98 -28.48 -13.65
N ARG A 7 33.79 -28.19 -14.95
CA ARG A 7 33.16 -26.93 -15.33
C ARG A 7 31.73 -26.84 -14.81
N ILE A 8 30.96 -27.92 -14.96
CA ILE A 8 29.56 -27.90 -14.52
C ILE A 8 29.46 -27.88 -13.00
N GLY A 9 30.50 -28.25 -12.29
CA GLY A 9 30.49 -28.24 -10.84
C GLY A 9 31.07 -26.99 -10.20
N LYS A 10 31.68 -26.12 -11.00
CA LYS A 10 32.28 -24.90 -10.50
C LYS A 10 31.42 -23.66 -10.72
N LEU A 11 30.48 -23.70 -11.66
CA LEU A 11 29.50 -22.64 -11.82
C LEU A 11 28.29 -22.80 -10.90
N LEU A 12 28.16 -23.96 -10.24
CA LEU A 12 27.07 -24.22 -9.32
C LEU A 12 27.54 -24.59 -7.92
N GLY A 13 28.83 -24.90 -7.74
CA GLY A 13 29.38 -25.14 -6.42
C GLY A 13 29.19 -26.53 -5.86
N PHE A 14 28.67 -27.47 -6.63
CA PHE A 14 28.50 -28.83 -6.15
C PHE A 14 28.52 -29.80 -7.32
N GLU A 15 29.27 -30.88 -7.17
CA GLU A 15 29.28 -31.92 -8.17
C GLU A 15 27.95 -32.69 -8.14
N TRP A 16 27.62 -33.30 -9.28
CA TRP A 16 26.38 -34.07 -9.37
C TRP A 16 26.37 -35.24 -8.39
N THR A 17 27.54 -35.85 -8.15
CA THR A 17 27.61 -36.99 -7.25
C THR A 17 27.15 -36.66 -5.83
N ASP A 18 27.16 -35.38 -5.44
CA ASP A 18 26.68 -34.99 -4.12
C ASP A 18 25.17 -35.14 -3.96
N LEU A 19 24.42 -35.32 -5.06
CA LEU A 19 22.98 -35.53 -5.00
C LEU A 19 22.58 -36.98 -5.20
N SER A 20 23.54 -37.91 -5.22
CA SER A 20 23.21 -39.30 -5.53
C SER A 20 22.32 -39.92 -4.46
N SER A 21 22.63 -39.66 -3.18
CA SER A 21 21.94 -40.30 -2.07
C SER A 21 21.65 -39.28 -1.00
N TRP A 22 20.78 -39.68 -0.04
CA TRP A 22 20.38 -38.78 1.02
C TRP A 22 21.56 -38.41 1.92
N ARG A 23 22.41 -39.39 2.23
CA ARG A 23 23.53 -39.13 3.13
C ARG A 23 24.55 -38.18 2.53
N ARG A 24 24.57 -38.01 1.21
CA ARG A 24 25.48 -37.07 0.56
C ARG A 24 24.83 -35.73 0.26
N LEU A 25 23.50 -35.65 0.24
CA LEU A 25 22.83 -34.36 0.17
C LEU A 25 22.86 -33.66 1.51
N VAL A 26 22.74 -34.42 2.61
CA VAL A 26 22.88 -33.84 3.94
C VAL A 26 24.31 -33.35 4.15
N THR A 27 25.29 -33.98 3.52
CA THR A 27 26.67 -33.56 3.64
C THR A 27 27.02 -32.37 2.75
N LEU A 28 26.14 -31.99 1.82
CA LEU A 28 26.33 -30.81 1.00
C LEU A 28 25.63 -29.58 1.55
N LEU A 29 24.47 -29.75 2.19
CA LEU A 29 23.75 -28.65 2.79
C LEU A 29 24.25 -28.31 4.19
N ASN A 30 25.23 -29.06 4.71
CA ASN A 30 25.88 -28.75 5.97
C ASN A 30 27.39 -28.58 5.80
N ARG A 31 27.83 -28.22 4.60
CA ARG A 31 29.23 -27.94 4.37
C ARG A 31 29.65 -26.73 5.22
N PRO A 32 30.88 -26.69 5.75
CA PRO A 32 31.32 -25.49 6.46
C PRO A 32 31.36 -24.28 5.54
N THR A 33 31.03 -23.12 6.09
CA THR A 33 31.06 -21.86 5.36
C THR A 33 31.41 -20.75 6.34
N ASP A 34 31.93 -19.65 5.79
CA ASP A 34 32.30 -18.52 6.63
C ASP A 34 31.03 -17.78 7.06
N PRO A 35 30.92 -17.37 8.32
CA PRO A 35 29.71 -16.65 8.78
C PRO A 35 29.70 -15.15 8.51
N ALA A 36 30.60 -14.63 7.69
CA ALA A 36 30.84 -13.18 7.68
C ALA A 36 29.66 -12.40 7.10
N SER A 37 29.14 -12.82 5.95
CA SER A 37 28.09 -12.04 5.31
C SER A 37 26.75 -12.16 6.02
N LEU A 38 26.49 -13.31 6.61
CA LEU A 38 25.24 -13.54 7.33
C LEU A 38 25.12 -12.57 8.51
N ALA A 39 26.22 -12.34 9.22
CA ALA A 39 26.19 -11.42 10.35
C ALA A 39 25.89 -10.00 9.91
N VAL A 40 26.48 -9.56 8.80
CA VAL A 40 26.23 -8.21 8.29
C VAL A 40 24.77 -8.05 7.91
N PHE A 41 24.21 -9.04 7.22
CA PHE A 41 22.80 -8.98 6.87
C PHE A 41 21.93 -8.97 8.11
N ARG A 42 22.28 -9.77 9.12
CA ARG A 42 21.53 -9.77 10.37
C ARG A 42 21.51 -8.38 11.00
N PHE A 43 22.68 -7.75 11.08
CA PHE A 43 22.77 -6.44 11.71
C PHE A 43 21.94 -5.41 10.95
N LEU A 44 22.07 -5.38 9.63
CA LEU A 44 21.32 -4.41 8.85
C LEU A 44 19.81 -4.65 8.95
N PHE A 45 19.38 -5.91 8.89
CA PHE A 45 17.96 -6.22 8.98
C PHE A 45 17.39 -5.82 10.32
N GLY A 46 18.10 -6.14 11.41
CA GLY A 46 17.62 -5.75 12.73
C GLY A 46 17.54 -4.25 12.90
N PHE A 47 18.57 -3.54 12.44
CA PHE A 47 18.55 -2.08 12.55
C PHE A 47 17.40 -1.48 11.75
N LEU A 48 17.17 -1.99 10.54
CA LEU A 48 16.09 -1.46 9.71
C LEU A 48 14.74 -1.73 10.35
N MET A 49 14.54 -2.91 10.94
CA MET A 49 13.26 -3.16 11.62
C MET A 49 13.10 -2.27 12.84
N VAL A 50 14.20 -2.00 13.56
CA VAL A 50 14.15 -1.07 14.69
C VAL A 50 13.67 0.30 14.22
N LEU A 51 14.25 0.78 13.12
CA LEU A 51 13.79 2.05 12.55
C LEU A 51 12.34 1.97 12.09
N ASP A 52 11.93 0.80 11.59
CA ASP A 52 10.63 0.68 10.95
C ASP A 52 9.48 0.61 11.94
N ILE A 53 9.71 0.07 13.14
CA ILE A 53 8.59 -0.14 14.08
C ILE A 53 7.90 1.17 14.45
N PRO A 54 8.59 2.26 14.76
CA PRO A 54 7.89 3.50 15.11
C PRO A 54 7.30 4.26 13.93
N GLN A 55 7.50 3.82 12.69
CA GLN A 55 7.05 4.57 11.52
C GLN A 55 5.93 3.87 10.77
N GLU A 56 6.13 2.63 10.33
CA GLU A 56 5.17 1.93 9.47
C GLU A 56 4.25 0.99 10.23
N ARG A 57 4.77 0.29 11.25
CA ARG A 57 3.93 -0.61 12.02
C ARG A 57 2.85 0.15 12.77
N GLY A 58 3.12 1.39 13.15
CA GLY A 58 2.13 2.26 13.73
C GLY A 58 2.21 2.43 15.23
N LEU A 59 3.42 2.40 15.80
CA LEU A 59 3.53 2.64 17.24
C LEU A 59 3.28 4.10 17.58
N SER A 60 3.50 5.00 16.62
CA SER A 60 3.22 6.41 16.87
C SER A 60 1.73 6.68 16.95
N SER A 61 0.96 6.09 16.04
CA SER A 61 -0.48 6.31 15.94
C SER A 61 -1.29 5.13 16.48
N LEU A 62 -0.79 4.47 17.51
CA LEU A 62 -1.49 3.35 18.12
C LEU A 62 -2.51 3.78 19.16
N ASP A 63 -2.49 5.04 19.61
CA ASP A 63 -3.43 5.52 20.60
C ASP A 63 -4.74 6.02 19.99
N ARG A 64 -4.82 6.09 18.66
CA ARG A 64 -6.05 6.44 17.96
C ARG A 64 -6.61 5.31 17.11
N LYS A 65 -5.88 4.22 16.96
CA LYS A 65 -6.34 3.06 16.20
C LYS A 65 -7.02 2.04 17.10
N TYR A 66 -6.44 1.76 18.27
CA TYR A 66 -6.97 0.79 19.21
C TYR A 66 -7.50 1.46 20.48
N LEU A 67 -8.05 2.66 20.34
CA LEU A 67 -8.58 3.38 21.50
C LEU A 67 -9.71 2.60 22.14
N ASP A 68 -9.74 2.62 23.48
CA ASP A 68 -10.78 1.93 24.21
C ASP A 68 -12.10 2.67 24.12
N GLY A 69 -13.19 1.91 24.07
CA GLY A 69 -14.54 2.44 24.01
C GLY A 69 -15.04 2.73 22.62
N LEU A 70 -14.17 3.24 21.74
CA LEU A 70 -14.55 3.51 20.37
C LEU A 70 -14.99 2.23 19.67
N ASP A 71 -16.13 2.30 18.98
CA ASP A 71 -16.68 1.15 18.26
C ASP A 71 -16.26 1.24 16.80
N VAL A 72 -15.39 0.32 16.39
CA VAL A 72 -14.88 0.25 15.03
C VAL A 72 -15.02 -1.18 14.55
N CYS A 73 -15.02 -1.37 13.23
CA CYS A 73 -15.11 -2.67 12.62
C CYS A 73 -13.72 -3.17 12.28
N ARG A 74 -13.36 -4.35 12.79
CA ARG A 74 -12.07 -4.97 12.56
C ARG A 74 -12.18 -5.97 11.41
N PHE A 75 -11.04 -6.21 10.76
CA PHE A 75 -10.94 -7.15 9.64
C PHE A 75 -9.81 -8.14 9.90
N PRO A 76 -9.95 -9.01 10.90
CA PRO A 76 -8.93 -10.03 11.15
C PRO A 76 -9.09 -11.22 10.21
N LEU A 77 -7.98 -11.97 10.06
CA LEU A 77 -8.04 -13.18 9.26
C LEU A 77 -8.99 -14.20 9.87
N LEU A 78 -8.93 -14.36 11.19
CA LEU A 78 -9.82 -15.23 11.94
C LEU A 78 -10.73 -14.38 12.81
N ASP A 79 -12.02 -14.74 12.85
CA ASP A 79 -12.97 -13.99 13.66
C ASP A 79 -12.68 -14.11 15.15
N ALA A 80 -11.93 -15.15 15.57
CA ALA A 80 -11.63 -15.31 16.98
C ALA A 80 -10.65 -14.26 17.48
N LEU A 81 -9.73 -13.83 16.63
CA LEU A 81 -8.76 -12.81 17.03
C LEU A 81 -9.47 -11.51 17.40
N ARG A 82 -9.01 -10.89 18.49
CA ARG A 82 -9.55 -9.64 18.98
C ARG A 82 -8.39 -8.84 19.55
N PRO A 83 -8.33 -7.52 19.34
CA PRO A 83 -7.27 -6.74 19.98
C PRO A 83 -7.36 -6.77 21.49
N LEU A 84 -6.21 -6.77 22.13
CA LEU A 84 -6.12 -6.56 23.57
C LEU A 84 -6.31 -5.08 23.87
N PRO A 85 -6.45 -4.71 25.14
CA PRO A 85 -6.46 -3.28 25.48
C PRO A 85 -5.19 -2.58 25.04
N LEU A 86 -5.24 -1.24 25.06
CA LEU A 86 -4.18 -0.44 24.45
C LEU A 86 -2.84 -0.63 25.17
N ASP A 87 -2.87 -0.70 26.51
CA ASP A 87 -1.62 -0.80 27.26
C ASP A 87 -0.89 -2.10 26.94
N TRP A 88 -1.63 -3.20 26.83
CA TRP A 88 -1.00 -4.47 26.49
C TRP A 88 -0.49 -4.46 25.07
N MET A 89 -1.14 -3.73 24.17
CA MET A 89 -0.60 -3.57 22.82
C MET A 89 0.73 -2.82 22.86
N TYR A 90 0.84 -1.80 23.71
CA TYR A 90 2.12 -1.10 23.83
C TYR A 90 3.19 -2.02 24.40
N LEU A 91 2.82 -2.88 25.34
CA LEU A 91 3.77 -3.87 25.86
C LEU A 91 4.23 -4.81 24.75
N VAL A 92 3.30 -5.24 23.89
CA VAL A 92 3.64 -6.11 22.78
C VAL A 92 4.63 -5.44 21.84
N TYR A 93 4.39 -4.17 21.52
CA TYR A 93 5.32 -3.43 20.66
C TYR A 93 6.67 -3.24 21.34
N THR A 94 6.68 -3.07 22.66
CA THR A 94 7.95 -3.00 23.38
C THR A 94 8.73 -4.30 23.23
N ILE A 95 8.04 -5.45 23.32
CA ILE A 95 8.71 -6.73 23.12
C ILE A 95 9.25 -6.82 21.70
N MET A 96 8.52 -6.28 20.72
CA MET A 96 9.03 -6.26 19.35
C MET A 96 10.32 -5.47 19.25
N PHE A 97 10.35 -4.29 19.87
CA PHE A 97 11.55 -3.45 19.82
C PHE A 97 12.74 -4.15 20.47
N LEU A 98 12.51 -4.77 21.63
CA LEU A 98 13.59 -5.47 22.31
C LEU A 98 14.10 -6.64 21.48
N GLY A 99 13.20 -7.39 20.85
CA GLY A 99 13.64 -8.48 19.99
C GLY A 99 14.43 -7.99 18.79
N ALA A 100 14.02 -6.86 18.20
CA ALA A 100 14.77 -6.33 17.07
C ALA A 100 16.17 -5.89 17.50
N LEU A 101 16.30 -5.27 18.67
CA LEU A 101 17.62 -4.93 19.18
C LEU A 101 18.45 -6.18 19.41
N GLY A 102 17.84 -7.22 19.98
CA GLY A 102 18.58 -8.46 20.19
C GLY A 102 19.09 -9.07 18.90
N MET A 103 18.26 -9.04 17.85
CA MET A 103 18.71 -9.50 16.54
C MET A 103 19.85 -8.63 16.02
N MET A 104 19.76 -7.32 16.21
CA MET A 104 20.79 -6.42 15.71
C MET A 104 22.14 -6.70 16.37
N LEU A 105 22.16 -6.76 17.70
CA LEU A 105 23.40 -6.96 18.44
C LEU A 105 23.75 -8.43 18.64
N GLY A 106 22.87 -9.35 18.27
CA GLY A 106 23.16 -10.76 18.45
C GLY A 106 23.28 -11.18 19.90
N LEU A 107 22.42 -10.65 20.76
CA LEU A 107 22.42 -10.95 22.19
C LEU A 107 21.18 -11.78 22.51
N CYS A 108 21.39 -13.01 22.97
CA CYS A 108 20.32 -13.98 23.19
C CYS A 108 19.49 -14.15 21.92
N TYR A 109 20.19 -14.62 20.88
CA TYR A 109 19.65 -14.57 19.52
C TYR A 109 18.39 -15.41 19.39
N ARG A 110 18.40 -16.63 19.92
CA ARG A 110 17.28 -17.55 19.69
C ARG A 110 16.05 -17.18 20.51
N ILE A 111 16.19 -16.31 21.51
CA ILE A 111 15.04 -15.83 22.29
C ILE A 111 14.58 -14.51 21.68
N SER A 112 15.53 -13.70 21.21
CA SER A 112 15.17 -12.43 20.59
C SER A 112 14.41 -12.65 19.30
N CYS A 113 14.78 -13.66 18.52
CA CYS A 113 14.07 -13.93 17.28
C CYS A 113 12.63 -14.36 17.56
N VAL A 114 12.42 -15.16 18.61
CA VAL A 114 11.06 -15.55 18.97
C VAL A 114 10.26 -14.34 19.42
N LEU A 115 10.87 -13.50 20.27
CA LEU A 115 10.18 -12.32 20.80
C LEU A 115 9.84 -11.33 19.69
N PHE A 116 10.57 -11.33 18.58
CA PHE A 116 10.20 -10.50 17.45
C PHE A 116 9.22 -11.20 16.51
N LEU A 117 9.31 -12.52 16.40
CA LEU A 117 8.50 -13.24 15.41
C LEU A 117 7.05 -13.34 15.85
N LEU A 118 6.80 -13.67 17.13
CA LEU A 118 5.42 -13.96 17.54
C LEU A 118 4.57 -12.69 17.55
N PRO A 119 4.98 -11.60 18.24
CA PRO A 119 4.22 -10.35 18.14
C PRO A 119 4.01 -9.84 16.73
N TYR A 120 5.03 -9.95 15.87
CA TYR A 120 4.90 -9.44 14.51
C TYR A 120 3.78 -10.14 13.76
N TRP A 121 3.72 -11.47 13.87
CA TRP A 121 2.67 -12.20 13.18
C TRP A 121 1.31 -12.00 13.84
N TYR A 122 1.28 -11.76 15.16
CA TYR A 122 0.01 -11.38 15.79
C TYR A 122 -0.54 -10.09 15.19
N VAL A 123 0.31 -9.07 15.10
CA VAL A 123 -0.12 -7.79 14.52
C VAL A 123 -0.49 -7.98 13.05
N PHE A 124 0.28 -8.78 12.33
CA PHE A 124 0.03 -8.99 10.90
C PHE A 124 -1.33 -9.65 10.67
N LEU A 125 -1.66 -10.66 11.48
CA LEU A 125 -2.93 -11.35 11.33
C LEU A 125 -4.10 -10.61 11.96
N LEU A 126 -3.85 -9.61 12.80
CA LEU A 126 -4.95 -8.90 13.44
C LEU A 126 -5.71 -7.98 12.48
N ASP A 127 -5.10 -7.58 11.37
CA ASP A 127 -5.72 -6.65 10.44
C ASP A 127 -5.35 -7.03 9.01
N LYS A 128 -6.37 -7.20 8.16
CA LYS A 128 -6.17 -7.56 6.77
C LYS A 128 -6.00 -6.35 5.85
N THR A 129 -6.16 -5.14 6.36
CA THR A 129 -6.05 -3.93 5.56
C THR A 129 -4.63 -3.36 5.54
N SER A 130 -3.67 -4.05 6.15
CA SER A 130 -2.27 -3.62 6.19
C SER A 130 -1.37 -4.78 5.79
N TRP A 131 -1.73 -5.48 4.72
CA TRP A 131 -0.94 -6.57 4.16
C TRP A 131 -0.29 -6.07 2.88
N ASN A 132 0.96 -5.64 2.98
CA ASN A 132 1.78 -5.35 1.82
C ASN A 132 2.55 -6.61 1.44
N ASN A 133 3.44 -6.50 0.45
CA ASN A 133 4.36 -7.57 0.12
C ASN A 133 5.67 -7.50 0.88
N HIS A 134 5.98 -6.35 1.49
CA HIS A 134 7.21 -6.23 2.27
C HIS A 134 7.03 -6.62 3.73
N SER A 135 5.83 -6.44 4.29
CA SER A 135 5.58 -6.95 5.63
C SER A 135 5.69 -8.47 5.67
N TYR A 136 5.13 -9.13 4.65
CA TYR A 136 5.24 -10.58 4.55
C TYR A 136 6.69 -11.00 4.42
N LEU A 137 7.47 -10.27 3.62
CA LEU A 137 8.89 -10.59 3.46
C LEU A 137 9.63 -10.45 4.78
N TYR A 138 9.33 -9.40 5.55
CA TYR A 138 9.99 -9.23 6.84
C TYR A 138 9.65 -10.39 7.78
N GLY A 139 8.38 -10.79 7.80
CA GLY A 139 7.99 -11.91 8.64
C GLY A 139 8.69 -13.19 8.24
N LEU A 140 8.76 -13.45 6.92
CA LEU A 140 9.43 -14.66 6.45
C LEU A 140 10.92 -14.64 6.78
N LEU A 141 11.57 -13.49 6.62
CA LEU A 141 12.99 -13.41 6.93
C LEU A 141 13.24 -13.64 8.42
N ALA A 142 12.37 -13.10 9.28
CA ALA A 142 12.51 -13.39 10.70
C ALA A 142 12.32 -14.88 10.99
N PHE A 143 11.33 -15.50 10.34
CA PHE A 143 11.09 -16.93 10.56
C PHE A 143 12.29 -17.76 10.12
N GLN A 144 12.89 -17.43 8.98
CA GLN A 144 14.10 -18.12 8.55
C GLN A 144 15.24 -17.89 9.55
N LEU A 145 15.47 -16.63 9.92
CA LEU A 145 16.61 -16.28 10.76
C LEU A 145 16.49 -16.86 12.16
N THR A 146 15.30 -17.27 12.58
CA THR A 146 15.17 -17.89 13.89
C THR A 146 15.98 -19.18 13.99
N PHE A 147 16.21 -19.87 12.86
CA PHE A 147 16.88 -21.16 12.84
C PHE A 147 18.31 -21.11 12.35
N MET A 148 18.81 -19.95 11.93
CA MET A 148 20.13 -19.81 11.33
C MET A 148 21.13 -19.34 12.37
N ASP A 149 22.34 -19.90 12.31
CA ASP A 149 23.42 -19.55 13.23
C ASP A 149 24.14 -18.30 12.73
N ALA A 150 23.45 -17.17 12.86
CA ALA A 150 23.96 -15.88 12.43
C ALA A 150 24.65 -15.10 13.53
N ASN A 151 24.74 -15.66 14.74
CA ASN A 151 25.39 -15.00 15.87
C ASN A 151 26.83 -15.44 16.05
N HIS A 152 27.40 -16.14 15.08
CA HIS A 152 28.76 -16.62 15.20
C HIS A 152 29.81 -15.54 14.97
N TYR A 153 29.50 -14.54 14.13
CA TYR A 153 30.45 -13.49 13.76
C TYR A 153 29.88 -12.13 14.14
N TRP A 154 30.68 -11.35 14.86
CA TRP A 154 30.34 -9.97 15.21
C TRP A 154 29.05 -9.93 16.03
N SER A 155 29.08 -10.61 17.17
CA SER A 155 27.93 -10.71 18.06
C SER A 155 28.38 -10.67 19.50
N VAL A 156 27.53 -10.08 20.36
CA VAL A 156 27.81 -10.03 21.79
C VAL A 156 27.76 -11.43 22.39
N ASP A 157 26.87 -12.28 21.88
CA ASP A 157 26.80 -13.66 22.38
C ASP A 157 28.10 -14.40 22.16
N GLY A 158 28.87 -14.01 21.14
CA GLY A 158 30.20 -14.57 20.98
C GLY A 158 31.13 -14.14 22.09
N LEU A 159 31.06 -12.88 22.51
CA LEU A 159 31.86 -12.43 23.63
C LEU A 159 31.49 -13.16 24.91
N LEU A 160 30.19 -13.39 25.12
CA LEU A 160 29.76 -14.09 26.33
C LEU A 160 30.17 -15.55 26.31
N ASN A 161 29.93 -16.24 25.19
CA ASN A 161 30.18 -17.68 25.06
C ASN A 161 31.30 -17.90 24.05
N ALA A 162 32.35 -18.59 24.49
CA ALA A 162 33.57 -18.71 23.70
C ALA A 162 33.49 -19.74 22.58
N HIS A 163 32.42 -20.52 22.50
CA HIS A 163 32.26 -21.53 21.46
C HIS A 163 31.56 -20.98 20.22
N ARG A 164 31.23 -19.68 20.18
CA ARG A 164 30.53 -19.08 19.06
C ARG A 164 31.24 -17.84 18.55
N ARG A 165 32.54 -17.71 18.79
CA ARG A 165 33.35 -16.61 18.26
C ARG A 165 34.04 -17.11 17.00
N ASN A 166 33.62 -16.59 15.85
CA ASN A 166 34.25 -16.91 14.57
C ASN A 166 34.17 -18.41 14.29
N ALA A 167 32.93 -18.89 14.24
CA ALA A 167 32.62 -20.31 14.06
C ALA A 167 31.92 -20.55 12.73
N HIS A 168 32.15 -21.72 12.16
CA HIS A 168 31.54 -22.08 10.89
C HIS A 168 30.02 -22.21 11.04
N VAL A 169 29.33 -22.06 9.91
CA VAL A 169 27.88 -22.18 9.84
C VAL A 169 27.54 -23.14 8.71
N PRO A 170 26.44 -23.89 8.78
CA PRO A 170 26.09 -24.77 7.66
C PRO A 170 25.70 -23.97 6.42
N LEU A 171 25.88 -24.61 5.27
CA LEU A 171 25.66 -23.92 4.00
C LEU A 171 24.18 -23.63 3.73
N TRP A 172 23.26 -24.31 4.39
CA TRP A 172 21.87 -24.16 4.01
C TRP A 172 21.25 -22.84 4.44
N ASN A 173 21.91 -22.10 5.34
CA ASN A 173 21.43 -20.77 5.69
C ASN A 173 21.48 -19.85 4.47
N TYR A 174 22.65 -19.77 3.84
CA TYR A 174 22.78 -18.98 2.62
C TYR A 174 21.86 -19.50 1.53
N ALA A 175 21.70 -20.83 1.44
CA ALA A 175 20.83 -21.39 0.42
C ALA A 175 19.39 -20.91 0.60
N VAL A 176 18.88 -20.95 1.84
CA VAL A 176 17.50 -20.52 2.07
C VAL A 176 17.34 -19.04 1.76
N LEU A 177 18.29 -18.21 2.21
CA LEU A 177 18.15 -16.77 1.97
C LEU A 177 18.21 -16.45 0.48
N ARG A 178 19.18 -17.03 -0.23
CA ARG A 178 19.28 -16.78 -1.67
C ARG A 178 18.05 -17.28 -2.41
N GLY A 179 17.52 -18.43 -1.99
CA GLY A 179 16.30 -18.94 -2.60
C GLY A 179 15.13 -18.01 -2.39
N GLN A 180 15.00 -17.44 -1.19
CA GLN A 180 13.92 -16.50 -0.93
C GLN A 180 14.02 -15.28 -1.83
N ILE A 181 15.21 -14.69 -1.95
CA ILE A 181 15.37 -13.50 -2.77
C ILE A 181 15.10 -13.83 -4.25
N PHE A 182 15.62 -14.96 -4.72
CA PHE A 182 15.38 -15.36 -6.10
C PHE A 182 13.91 -15.60 -6.37
N ILE A 183 13.20 -16.22 -5.42
CA ILE A 183 11.76 -16.42 -5.58
C ILE A 183 11.05 -15.08 -5.68
N VAL A 184 11.44 -14.11 -4.85
CA VAL A 184 10.83 -12.78 -4.91
C VAL A 184 10.97 -12.20 -6.31
N TYR A 185 12.21 -12.16 -6.81
CA TYR A 185 12.43 -11.54 -8.12
C TYR A 185 11.72 -12.29 -9.23
N PHE A 186 11.87 -13.62 -9.27
CA PHE A 186 11.33 -14.38 -10.39
C PHE A 186 9.81 -14.41 -10.40
N ILE A 187 9.18 -14.57 -9.22
CA ILE A 187 7.73 -14.60 -9.18
C ILE A 187 7.16 -13.22 -9.49
N ALA A 188 7.83 -12.15 -9.07
CA ALA A 188 7.41 -10.83 -9.51
C ALA A 188 7.47 -10.71 -11.02
N GLY A 189 8.57 -11.17 -11.62
CA GLY A 189 8.71 -11.09 -13.06
C GLY A 189 7.63 -11.85 -13.81
N VAL A 190 7.35 -13.09 -13.39
CA VAL A 190 6.36 -13.89 -14.10
C VAL A 190 4.96 -13.34 -13.85
N LYS A 191 4.69 -12.81 -12.65
CA LYS A 191 3.40 -12.18 -12.39
C LYS A 191 3.21 -10.93 -13.24
N LYS A 192 4.30 -10.26 -13.62
CA LYS A 192 4.21 -9.06 -14.44
C LYS A 192 4.13 -9.36 -15.94
N LEU A 193 3.80 -10.59 -16.33
CA LEU A 193 3.50 -10.92 -17.72
C LEU A 193 2.03 -10.73 -18.06
N ASP A 194 1.27 -10.06 -17.20
CA ASP A 194 -0.12 -9.76 -17.50
C ASP A 194 -0.20 -8.81 -18.69
N ALA A 195 -1.33 -8.88 -19.40
CA ALA A 195 -1.50 -8.07 -20.60
C ALA A 195 -1.48 -6.57 -20.30
N ASP A 196 -1.81 -6.16 -19.07
CA ASP A 196 -1.81 -4.74 -18.75
C ASP A 196 -0.40 -4.20 -18.59
N TRP A 197 0.49 -4.97 -17.97
CA TRP A 197 1.84 -4.48 -17.73
C TRP A 197 2.66 -4.42 -19.02
N VAL A 198 2.53 -5.44 -19.87
CA VAL A 198 3.31 -5.46 -21.12
C VAL A 198 2.78 -4.49 -22.16
N GLU A 199 1.63 -3.86 -21.94
CA GLU A 199 1.04 -2.94 -22.89
C GLU A 199 1.14 -1.48 -22.48
N GLY A 200 1.40 -1.19 -21.21
CA GLY A 200 1.65 0.16 -20.76
C GLY A 200 0.53 0.82 -20.01
N TYR A 201 -0.31 0.06 -19.30
CA TYR A 201 -1.44 0.61 -18.57
C TYR A 201 -1.20 0.72 -17.07
N SER A 202 -0.38 -0.16 -16.50
CA SER A 202 0.00 -0.05 -15.10
C SER A 202 1.18 0.90 -14.98
N MET A 203 1.03 1.92 -14.14
CA MET A 203 2.05 2.96 -13.99
C MET A 203 2.26 3.73 -15.29
N GLU A 204 1.15 4.21 -15.85
CA GLU A 204 1.23 4.95 -17.11
C GLU A 204 1.77 6.36 -16.90
N TYR A 205 1.44 6.98 -15.77
CA TYR A 205 1.81 8.37 -15.51
C TYR A 205 3.13 8.50 -14.75
N LEU A 206 3.82 7.40 -14.47
CA LEU A 206 5.05 7.49 -13.70
C LEU A 206 6.22 8.03 -14.51
N SER A 207 6.10 8.08 -15.83
CA SER A 207 7.19 8.60 -16.66
C SER A 207 7.40 10.10 -16.51
N ARG A 208 6.48 10.81 -15.86
CA ARG A 208 6.60 12.25 -15.72
C ARG A 208 7.51 12.66 -14.57
N HIS A 209 7.93 11.72 -13.73
CA HIS A 209 8.83 12.06 -12.63
C HIS A 209 10.15 12.58 -13.16
N TRP A 210 10.73 13.53 -12.44
CA TRP A 210 11.96 14.17 -12.90
C TRP A 210 13.14 13.21 -12.98
N LEU A 211 13.10 12.08 -12.27
CA LEU A 211 14.21 11.14 -12.34
C LEU A 211 14.34 10.48 -13.70
N PHE A 212 13.28 10.48 -14.51
CA PHE A 212 13.34 9.96 -15.88
C PHE A 212 13.69 11.05 -16.89
N SER A 213 14.12 12.22 -16.43
CA SER A 213 14.44 13.31 -17.34
C SER A 213 15.51 12.98 -18.38
N PRO A 214 16.64 12.34 -18.04
CA PRO A 214 17.64 12.08 -19.10
C PRO A 214 17.12 11.19 -20.23
N PHE A 215 16.28 10.21 -19.90
CA PHE A 215 15.77 9.30 -20.92
C PHE A 215 15.02 10.06 -22.01
N LYS A 216 14.30 11.11 -21.63
CA LYS A 216 13.53 11.89 -22.60
C LYS A 216 14.42 12.61 -23.60
N LEU A 217 15.71 12.75 -23.32
CA LEU A 217 16.60 13.36 -24.29
C LEU A 217 16.79 12.50 -25.53
N LEU A 218 16.49 11.19 -25.44
CA LEU A 218 16.65 10.27 -26.56
C LEU A 218 15.36 9.59 -27.01
N LEU A 219 14.30 9.61 -26.21
CA LEU A 219 13.05 8.95 -26.55
C LEU A 219 11.88 9.87 -26.22
N SER A 220 10.76 9.61 -26.88
CA SER A 220 9.52 10.32 -26.58
C SER A 220 8.98 9.86 -25.23
N GLU A 221 7.99 10.63 -24.73
CA GLU A 221 7.44 10.32 -23.41
C GLU A 221 6.75 8.96 -23.40
N GLU A 222 6.00 8.63 -24.45
CA GLU A 222 5.28 7.37 -24.46
C GLU A 222 6.23 6.17 -24.49
N LEU A 223 7.29 6.23 -25.30
CA LEU A 223 8.25 5.13 -25.33
C LEU A 223 9.00 5.03 -24.02
N THR A 224 9.30 6.16 -23.39
CA THR A 224 9.90 6.12 -22.06
C THR A 224 8.95 5.49 -21.05
N SER A 225 7.65 5.67 -21.25
CA SER A 225 6.65 5.11 -20.35
C SER A 225 6.29 3.67 -20.66
N LEU A 226 6.76 3.12 -21.78
CA LEU A 226 6.57 1.71 -22.11
C LEU A 226 7.86 0.90 -22.05
N LEU A 227 8.91 1.33 -22.77
CA LEU A 227 10.12 0.52 -22.86
C LEU A 227 10.89 0.51 -21.55
N VAL A 228 11.04 1.67 -20.91
CA VAL A 228 11.92 1.77 -19.75
C VAL A 228 11.21 1.27 -18.49
N VAL A 229 10.01 1.81 -18.22
CA VAL A 229 9.37 1.53 -16.94
C VAL A 229 8.86 0.09 -16.89
N HIS A 230 8.18 -0.36 -17.94
CA HIS A 230 7.48 -1.65 -17.90
C HIS A 230 8.36 -2.81 -18.32
N TRP A 231 8.85 -2.78 -19.56
CA TRP A 231 9.69 -3.86 -20.06
C TRP A 231 11.02 -3.89 -19.32
N GLY A 232 11.57 -2.71 -19.00
CA GLY A 232 12.76 -2.66 -18.19
C GLY A 232 12.56 -3.28 -16.82
N GLY A 233 11.41 -3.03 -16.20
CA GLY A 233 11.13 -3.64 -14.90
C GLY A 233 11.03 -5.15 -14.98
N LEU A 234 10.33 -5.66 -15.99
CA LEU A 234 10.20 -7.11 -16.14
C LEU A 234 11.56 -7.77 -16.38
N LEU A 235 12.32 -7.23 -17.34
CA LEU A 235 13.63 -7.78 -17.63
C LEU A 235 14.55 -7.70 -16.41
N LEU A 236 14.47 -6.60 -15.66
CA LEU A 236 15.32 -6.46 -14.49
C LEU A 236 14.92 -7.45 -13.41
N ASP A 237 13.63 -7.75 -13.27
CA ASP A 237 13.24 -8.76 -12.28
C ASP A 237 13.85 -10.12 -12.62
N LEU A 238 13.67 -10.56 -13.85
CA LEU A 238 14.22 -11.87 -14.23
C LEU A 238 15.75 -11.88 -14.16
N SER A 239 16.39 -10.81 -14.65
CA SER A 239 17.85 -10.77 -14.66
C SER A 239 18.42 -10.61 -13.25
N ALA A 240 17.74 -9.88 -12.37
CA ALA A 240 18.20 -9.78 -11.00
C ALA A 240 18.05 -11.10 -10.29
N GLY A 241 17.06 -11.90 -10.69
CA GLY A 241 17.00 -13.26 -10.18
C GLY A 241 18.20 -14.07 -10.59
N PHE A 242 18.57 -14.01 -11.87
CA PHE A 242 19.56 -14.96 -12.39
C PHE A 242 21.02 -14.48 -12.32
N LEU A 243 21.29 -13.23 -12.67
CA LEU A 243 22.66 -12.78 -12.90
C LEU A 243 23.50 -12.81 -11.63
N LEU A 244 22.93 -12.40 -10.49
CA LEU A 244 23.69 -12.29 -9.26
C LEU A 244 24.27 -13.64 -8.82
N PHE A 245 23.66 -14.75 -9.22
CA PHE A 245 24.15 -16.06 -8.81
C PHE A 245 25.52 -16.35 -9.40
N PHE A 246 25.72 -16.05 -10.69
CA PHE A 246 26.94 -16.43 -11.40
C PHE A 246 28.03 -15.38 -11.22
N ASP A 247 29.27 -15.86 -11.09
CA ASP A 247 30.38 -14.98 -10.74
C ASP A 247 30.67 -13.99 -11.87
N VAL A 248 30.57 -14.44 -13.12
CA VAL A 248 30.96 -13.61 -14.25
C VAL A 248 30.08 -12.36 -14.34
N SER A 249 28.80 -12.50 -13.99
CA SER A 249 27.78 -11.50 -14.23
C SER A 249 27.19 -10.96 -12.93
N ARG A 250 28.03 -10.69 -11.95
CA ARG A 250 27.58 -10.17 -10.65
C ARG A 250 27.75 -8.68 -10.52
N SER A 251 28.81 -8.10 -11.07
CA SER A 251 28.99 -6.64 -10.98
C SER A 251 27.87 -5.92 -11.72
N ILE A 252 27.56 -6.37 -12.93
CA ILE A 252 26.47 -5.78 -13.70
C ILE A 252 25.16 -5.93 -12.95
N GLY A 253 24.90 -7.12 -12.41
CA GLY A 253 23.67 -7.34 -11.68
C GLY A 253 23.55 -6.46 -10.45
N LEU A 254 24.64 -6.34 -9.68
CA LEU A 254 24.62 -5.49 -8.50
C LEU A 254 24.36 -4.04 -8.88
N PHE A 255 24.99 -3.57 -9.96
CA PHE A 255 24.79 -2.19 -10.39
C PHE A 255 23.34 -1.94 -10.78
N PHE A 256 22.77 -2.79 -11.64
CA PHE A 256 21.39 -2.60 -12.06
C PHE A 256 20.42 -2.71 -10.90
N VAL A 257 20.61 -3.68 -10.02
CA VAL A 257 19.69 -3.85 -8.89
C VAL A 257 19.77 -2.66 -7.95
N SER A 258 20.97 -2.15 -7.69
CA SER A 258 21.10 -1.01 -6.80
C SER A 258 20.44 0.23 -7.39
N TYR A 259 20.63 0.47 -8.69
CA TYR A 259 19.99 1.62 -9.33
C TYR A 259 18.48 1.46 -9.29
N PHE A 260 17.98 0.25 -9.56
CA PHE A 260 16.56 -0.04 -9.53
C PHE A 260 15.98 0.24 -8.15
N HIS A 261 16.66 -0.20 -7.10
CA HIS A 261 16.12 -0.06 -5.76
C HIS A 261 16.17 1.39 -5.27
N CYS A 262 17.25 2.12 -5.60
CA CYS A 262 17.29 3.53 -5.23
C CYS A 262 16.19 4.32 -5.93
N MET A 263 15.97 4.06 -7.22
CA MET A 263 14.89 4.73 -7.92
C MET A 263 13.54 4.36 -7.33
N ASN A 264 13.35 3.10 -6.95
CA ASN A 264 12.09 2.72 -6.32
C ASN A 264 11.90 3.45 -4.99
N SER A 265 12.97 3.60 -4.23
CA SER A 265 12.86 4.29 -2.95
C SER A 265 12.45 5.74 -3.14
N GLN A 266 12.99 6.41 -4.16
CA GLN A 266 12.64 7.81 -4.37
C GLN A 266 11.25 7.96 -4.99
N LEU A 267 10.88 7.08 -5.92
CA LEU A 267 9.62 7.26 -6.64
C LEU A 267 8.42 6.99 -5.76
N PHE A 268 8.42 5.89 -5.02
CA PHE A 268 7.30 5.43 -4.22
C PHE A 268 7.55 5.70 -2.74
N SER A 269 6.56 5.36 -1.93
CA SER A 269 6.62 5.46 -0.47
C SER A 269 6.41 4.10 0.17
N ILE A 270 7.07 3.08 -0.40
CA ILE A 270 6.91 1.71 0.09
C ILE A 270 7.44 1.59 1.51
N GLY A 271 8.58 2.21 1.79
CA GLY A 271 9.13 2.23 3.15
C GLY A 271 10.56 1.76 3.21
N MET A 272 10.81 0.68 3.96
CA MET A 272 12.13 0.09 4.12
C MET A 272 12.38 -1.07 3.17
N PHE A 273 11.47 -1.32 2.23
CA PHE A 273 11.62 -2.46 1.33
C PHE A 273 12.87 -2.31 0.48
N SER A 274 13.10 -1.12 -0.06
CA SER A 274 14.23 -0.90 -0.95
C SER A 274 15.55 -1.09 -0.22
N TYR A 275 15.66 -0.54 0.99
CA TYR A 275 16.91 -0.66 1.73
C TYR A 275 17.15 -2.10 2.18
N VAL A 276 16.09 -2.81 2.56
CA VAL A 276 16.24 -4.22 2.91
C VAL A 276 16.72 -5.02 1.71
N MET A 277 16.19 -4.73 0.52
CA MET A 277 16.63 -5.47 -0.66
C MET A 277 18.07 -5.12 -1.02
N LEU A 278 18.46 -3.86 -0.85
CA LEU A 278 19.86 -3.50 -1.04
C LEU A 278 20.76 -4.26 -0.08
N ALA A 279 20.34 -4.41 1.17
CA ALA A 279 21.10 -5.19 2.14
C ALA A 279 21.15 -6.66 1.73
N SER A 280 20.08 -7.19 1.16
CA SER A 280 20.03 -8.59 0.78
C SER A 280 20.85 -8.90 -0.46
N SER A 281 21.08 -7.91 -1.33
CA SER A 281 21.84 -8.18 -2.55
C SER A 281 23.25 -8.72 -2.28
N PRO A 282 24.03 -8.18 -1.33
CA PRO A 282 25.37 -8.74 -1.08
C PRO A 282 25.41 -10.18 -0.61
N LEU A 283 24.29 -10.81 -0.28
CA LEU A 283 24.32 -12.21 0.13
C LEU A 283 24.80 -13.13 -0.99
N PHE A 284 24.63 -12.72 -2.24
CA PHE A 284 25.08 -13.54 -3.38
C PHE A 284 26.59 -13.44 -3.62
N CYS A 285 27.28 -12.52 -2.96
CA CYS A 285 28.73 -12.45 -3.07
C CYS A 285 29.36 -13.60 -2.29
N SER A 286 30.69 -13.60 -2.23
CA SER A 286 31.38 -14.66 -1.52
C SER A 286 31.04 -14.59 -0.03
N PRO A 287 31.02 -15.73 0.68
CA PRO A 287 30.66 -15.68 2.10
C PRO A 287 31.66 -14.96 3.00
N GLU A 288 32.78 -14.43 2.48
CA GLU A 288 33.82 -13.83 3.30
C GLU A 288 34.23 -12.45 2.83
N TRP A 289 33.35 -11.73 2.13
CA TRP A 289 33.70 -10.37 1.72
C TRP A 289 33.94 -9.41 2.89
N PRO A 290 33.18 -9.43 4.00
CA PRO A 290 33.53 -8.52 5.10
C PRO A 290 34.90 -8.78 5.66
N ARG A 291 35.34 -10.03 5.72
CA ARG A 291 36.66 -10.34 6.26
C ARG A 291 37.76 -9.75 5.39
N LYS A 292 37.68 -9.94 4.07
CA LYS A 292 38.72 -9.39 3.21
C LYS A 292 38.68 -7.86 3.21
N LEU A 293 37.48 -7.28 3.31
CA LEU A 293 37.39 -5.82 3.45
C LEU A 293 38.06 -5.35 4.74
N VAL A 294 37.86 -6.08 5.84
CA VAL A 294 38.48 -5.72 7.11
C VAL A 294 39.99 -5.85 7.02
N SER A 295 40.49 -6.82 6.25
CA SER A 295 41.94 -7.00 6.13
C SER A 295 42.61 -5.76 5.55
N TYR A 296 41.97 -5.11 4.58
CA TYR A 296 42.52 -3.93 3.93
C TYR A 296 42.17 -2.67 4.72
N CYS A 297 42.66 -2.60 5.95
CA CYS A 297 42.50 -1.47 6.83
C CYS A 297 43.82 -1.19 7.54
N PRO A 298 44.03 0.04 8.02
CA PRO A 298 45.22 0.30 8.85
C PRO A 298 45.18 -0.51 10.14
N ARG A 299 46.37 -0.81 10.66
CA ARG A 299 46.47 -1.63 11.87
C ARG A 299 45.77 -0.98 13.06
N ARG A 300 45.72 0.35 13.10
CA ARG A 300 45.08 1.01 14.23
C ARG A 300 43.57 0.73 14.27
N LEU A 301 42.91 0.79 13.11
CA LEU A 301 41.47 0.60 13.07
C LEU A 301 41.06 -0.83 13.43
N GLN A 302 41.93 -1.81 13.15
CA GLN A 302 41.58 -3.20 13.38
C GLN A 302 41.32 -3.51 14.85
N GLN A 303 41.81 -2.66 15.77
CA GLN A 303 41.58 -2.89 17.18
C GLN A 303 40.11 -2.80 17.57
N LEU A 304 39.27 -2.19 16.72
CA LEU A 304 37.84 -2.10 16.95
C LEU A 304 37.01 -2.97 16.01
N LEU A 305 37.53 -3.30 14.83
CA LEU A 305 36.80 -4.11 13.87
C LEU A 305 36.85 -5.58 14.28
N PRO A 306 35.96 -6.41 13.71
CA PRO A 306 35.97 -7.84 14.07
C PRO A 306 37.28 -8.51 13.69
N LEU A 307 37.39 -9.78 14.10
CA LEU A 307 38.60 -10.55 13.88
C LEU A 307 38.82 -10.80 12.39
N LYS A 308 40.05 -11.23 12.06
CA LYS A 308 40.42 -11.60 10.70
C LYS A 308 40.99 -13.00 10.59
N ALA A 309 41.12 -13.73 11.70
CA ALA A 309 41.66 -15.08 11.65
C ALA A 309 40.62 -16.04 11.06
N ALA A 310 41.09 -17.22 10.67
CA ALA A 310 40.21 -18.20 10.07
C ALA A 310 39.21 -18.70 11.11
N PRO A 311 37.97 -18.99 10.73
CA PRO A 311 36.99 -19.44 11.73
C PRO A 311 37.33 -20.81 12.29
N GLN A 312 36.88 -21.04 13.51
CA GLN A 312 37.14 -22.29 14.21
C GLN A 312 36.11 -23.35 13.82
N PRO A 313 36.39 -24.63 14.09
CA PRO A 313 35.39 -25.67 13.86
C PRO A 313 34.14 -25.45 14.69
N SER A 314 33.00 -25.85 14.13
CA SER A 314 31.71 -25.82 14.80
C SER A 314 31.09 -27.21 14.80
N VAL A 315 30.20 -27.45 15.76
CA VAL A 315 29.54 -28.74 15.91
C VAL A 315 28.20 -28.74 15.16
N SER A 316 27.97 -27.75 14.30
CA SER A 316 26.77 -27.66 13.50
C SER A 316 27.01 -27.96 12.02
N CYS A 317 28.19 -28.48 11.67
CA CYS A 317 28.55 -28.77 10.29
C CYS A 317 29.22 -30.14 10.21
N VAL A 318 29.10 -30.77 9.04
CA VAL A 318 29.68 -32.09 8.79
C VAL A 318 31.02 -31.91 8.09
N TYR A 319 32.07 -32.50 8.67
CA TYR A 319 33.43 -32.35 8.17
C TYR A 319 33.89 -33.63 7.49
N LYS A 320 34.53 -33.48 6.33
CA LYS A 320 35.03 -34.60 5.56
C LYS A 320 36.45 -34.92 6.02
N ARG A 321 36.65 -36.16 6.46
CA ARG A 321 37.94 -36.59 6.99
C ARG A 321 38.74 -37.33 5.92
N GLY A 327 35.23 -40.63 8.48
CA GLY A 327 34.10 -39.78 8.19
C GLY A 327 33.16 -39.63 9.38
N GLN A 328 32.21 -38.71 9.25
CA GLN A 328 31.22 -38.42 10.29
C GLN A 328 29.84 -38.78 9.77
N LYS A 329 29.14 -39.64 10.51
CA LYS A 329 27.74 -39.92 10.20
C LYS A 329 26.90 -38.70 10.60
N PRO A 330 26.10 -38.13 9.69
CA PRO A 330 25.27 -36.99 10.09
C PRO A 330 24.30 -37.35 11.22
N GLY A 331 24.13 -36.41 12.14
CA GLY A 331 23.26 -36.62 13.29
C GLY A 331 21.81 -36.31 12.98
N LEU A 332 21.16 -35.56 13.85
CA LEU A 332 19.74 -35.25 13.74
C LEU A 332 19.47 -33.83 13.26
N ARG A 333 20.21 -32.85 13.75
CA ARG A 333 19.94 -31.47 13.35
C ARG A 333 20.30 -31.23 11.90
N HIS A 334 21.27 -31.95 11.37
CA HIS A 334 21.67 -31.78 9.97
C HIS A 334 20.55 -32.19 9.03
N GLN A 335 19.93 -33.34 9.31
CA GLN A 335 18.84 -33.83 8.47
C GLN A 335 17.65 -32.89 8.53
N LEU A 336 17.31 -32.40 9.72
CA LEU A 336 16.21 -31.45 9.85
C LEU A 336 16.51 -30.17 9.11
N GLY A 337 17.77 -29.73 9.12
CA GLY A 337 18.12 -28.52 8.36
C GLY A 337 17.90 -28.70 6.87
N ALA A 338 18.37 -29.83 6.33
CA ALA A 338 18.19 -30.06 4.89
C ALA A 338 16.71 -30.17 4.53
N ALA A 339 15.94 -30.89 5.35
CA ALA A 339 14.50 -31.03 5.09
C ALA A 339 13.80 -29.68 5.17
N PHE A 340 14.17 -28.85 6.15
CA PHE A 340 13.58 -27.53 6.28
C PHE A 340 13.86 -26.70 5.04
N THR A 341 15.09 -26.75 4.53
CA THR A 341 15.42 -26.00 3.33
C THR A 341 14.54 -26.41 2.16
N LEU A 342 14.50 -27.72 1.87
CA LEU A 342 13.75 -28.18 0.70
C LEU A 342 12.27 -27.86 0.83
N LEU A 343 11.68 -28.19 1.99
CA LEU A 343 10.25 -27.98 2.18
C LEU A 343 9.88 -26.51 2.15
N TYR A 344 10.68 -25.64 2.79
CA TYR A 344 10.36 -24.22 2.79
C TYR A 344 10.41 -23.64 1.39
N LEU A 345 11.45 -23.98 0.61
CA LEU A 345 11.52 -23.42 -0.74
C LEU A 345 10.38 -23.93 -1.61
N LEU A 346 10.03 -25.22 -1.49
CA LEU A 346 8.93 -25.74 -2.27
C LEU A 346 7.61 -25.06 -1.90
N GLU A 347 7.38 -24.84 -0.61
CA GLU A 347 6.16 -24.17 -0.16
C GLU A 347 6.12 -22.73 -0.66
N GLN A 348 7.26 -22.04 -0.65
CA GLN A 348 7.29 -20.67 -1.15
C GLN A 348 6.97 -20.63 -2.64
N LEU A 349 7.47 -21.60 -3.40
CA LEU A 349 7.11 -21.67 -4.81
C LEU A 349 5.61 -21.90 -4.99
N PHE A 350 5.02 -22.77 -4.15
CA PHE A 350 3.64 -23.16 -4.36
C PHE A 350 2.64 -22.09 -3.92
N LEU A 351 2.94 -21.39 -2.82
CA LEU A 351 1.93 -20.53 -2.19
C LEU A 351 1.37 -19.44 -3.10
N PRO A 352 2.17 -18.72 -3.90
CA PRO A 352 1.58 -17.70 -4.77
C PRO A 352 0.56 -18.23 -5.76
N TYR A 353 0.65 -19.50 -6.14
CA TYR A 353 -0.26 -20.11 -7.11
C TYR A 353 -1.24 -21.07 -6.44
N SER A 354 -1.65 -20.78 -5.20
CA SER A 354 -2.55 -21.63 -4.43
C SER A 354 -3.96 -21.06 -4.36
N HIS A 355 -4.36 -20.31 -5.38
CA HIS A 355 -5.66 -19.65 -5.38
C HIS A 355 -6.79 -20.54 -5.90
N PHE A 356 -6.47 -21.71 -6.44
CA PHE A 356 -7.52 -22.64 -6.85
C PHE A 356 -8.09 -23.44 -5.69
N LEU A 357 -7.50 -23.34 -4.50
CA LEU A 357 -8.04 -23.96 -3.29
C LEU A 357 -8.89 -22.99 -2.49
N THR A 358 -8.39 -21.77 -2.26
CA THR A 358 -9.12 -20.74 -1.51
C THR A 358 -9.82 -19.83 -2.51
N GLN A 359 -10.95 -20.31 -3.02
CA GLN A 359 -11.71 -19.55 -4.01
C GLN A 359 -12.60 -18.49 -3.39
N GLY A 360 -12.81 -18.51 -2.08
CA GLY A 360 -13.63 -17.49 -1.46
C GLY A 360 -13.01 -16.11 -1.56
N TYR A 361 -11.69 -16.04 -1.46
CA TYR A 361 -10.98 -14.77 -1.55
C TYR A 361 -10.73 -14.33 -2.98
N ASN A 362 -11.03 -15.17 -3.97
CA ASN A 362 -10.89 -14.76 -5.36
C ASN A 362 -11.93 -13.71 -5.72
N ASN A 363 -11.54 -12.81 -6.60
CA ASN A 363 -12.32 -11.66 -7.03
C ASN A 363 -11.91 -11.38 -8.47
N TRP A 364 -12.13 -10.15 -8.93
CA TRP A 364 -11.59 -9.73 -10.22
C TRP A 364 -10.08 -10.02 -10.30
N THR A 365 -9.35 -9.75 -9.23
CA THR A 365 -7.98 -10.20 -9.08
C THR A 365 -7.98 -11.57 -8.39
N ASN A 366 -6.81 -12.05 -7.99
CA ASN A 366 -6.66 -13.36 -7.35
C ASN A 366 -6.23 -13.16 -5.90
N GLY A 367 -6.99 -13.74 -4.98
CA GLY A 367 -6.59 -13.84 -3.59
C GLY A 367 -6.42 -12.53 -2.87
N LEU A 368 -6.22 -12.61 -1.55
CA LEU A 368 -5.94 -11.42 -0.77
C LEU A 368 -4.58 -10.86 -1.15
N TYR A 369 -4.46 -9.54 -1.12
CA TYR A 369 -3.19 -8.91 -1.44
C TYR A 369 -2.21 -9.11 -0.30
N GLY A 370 -0.97 -9.42 -0.64
CA GLY A 370 0.09 -9.51 0.35
C GLY A 370 1.12 -10.61 0.18
N TYR A 371 0.79 -11.72 -0.50
CA TYR A 371 1.69 -12.86 -0.57
C TYR A 371 1.81 -13.44 -1.98
N SER A 372 1.53 -12.65 -3.01
CA SER A 372 1.60 -13.11 -4.40
C SER A 372 2.74 -12.47 -5.18
N TRP A 373 3.39 -11.44 -4.66
CA TRP A 373 4.47 -10.73 -5.35
C TRP A 373 3.99 -10.07 -6.64
N ASP A 374 2.71 -9.71 -6.71
CA ASP A 374 2.16 -8.98 -7.85
C ASP A 374 2.18 -7.48 -7.56
N MET A 375 3.39 -6.96 -7.42
CA MET A 375 3.58 -5.58 -6.98
C MET A 375 3.29 -4.62 -8.11
N MET A 376 2.47 -3.60 -7.85
CA MET A 376 2.26 -2.48 -8.74
C MET A 376 1.76 -2.92 -10.12
N VAL A 377 0.72 -3.74 -10.13
CA VAL A 377 0.19 -4.30 -11.37
C VAL A 377 -1.27 -3.93 -11.62
N HIS A 378 -2.04 -3.59 -10.59
CA HIS A 378 -3.44 -3.20 -10.74
C HIS A 378 -3.66 -1.87 -10.04
N SER A 379 -4.26 -0.92 -10.76
CA SER A 379 -4.64 0.38 -10.24
C SER A 379 -6.15 0.52 -10.33
N ARG A 380 -6.77 0.91 -9.23
CA ARG A 380 -8.22 0.94 -9.09
C ARG A 380 -8.71 2.34 -8.79
N SER A 381 -9.78 2.74 -9.45
CA SER A 381 -10.44 4.03 -9.21
C SER A 381 -11.90 3.79 -8.91
N HIS A 382 -12.40 4.40 -7.85
CA HIS A 382 -13.78 4.24 -7.39
C HIS A 382 -14.57 5.51 -7.68
N GLN A 383 -15.80 5.33 -8.16
CA GLN A 383 -16.69 6.43 -8.51
C GLN A 383 -17.74 6.69 -7.45
N HIS A 384 -18.34 5.66 -6.87
CA HIS A 384 -19.41 5.86 -5.91
C HIS A 384 -19.55 4.62 -5.04
N VAL A 385 -20.12 4.81 -3.85
CA VAL A 385 -20.42 3.73 -2.92
C VAL A 385 -21.69 4.10 -2.16
N LYS A 386 -22.70 3.22 -2.19
CA LYS A 386 -23.95 3.43 -1.49
C LYS A 386 -24.24 2.25 -0.57
N ILE A 387 -24.74 2.55 0.62
CA ILE A 387 -25.16 1.54 1.59
C ILE A 387 -26.60 1.85 1.96
N THR A 388 -27.49 0.89 1.73
CA THR A 388 -28.91 1.02 1.98
C THR A 388 -29.33 -0.04 3.01
N TYR A 389 -30.25 0.34 3.89
CA TYR A 389 -30.73 -0.57 4.93
C TYR A 389 -32.25 -0.49 5.00
N ARG A 390 -32.84 -1.62 5.41
CA ARG A 390 -34.28 -1.73 5.61
C ARG A 390 -34.52 -2.25 7.03
N ASP A 391 -35.25 -1.47 7.82
CA ASP A 391 -35.62 -1.91 9.15
C ASP A 391 -36.51 -3.15 9.07
N GLY A 392 -36.24 -4.13 9.93
CA GLY A 392 -36.99 -5.37 9.90
C GLY A 392 -38.37 -5.29 10.50
N ARG A 393 -38.65 -4.26 11.31
CA ARG A 393 -39.94 -4.10 11.96
C ARG A 393 -40.82 -3.09 11.22
N THR A 394 -40.33 -1.86 11.07
CA THR A 394 -41.13 -0.81 10.45
C THR A 394 -41.19 -0.94 8.93
N GLY A 395 -40.13 -1.48 8.32
CA GLY A 395 -40.05 -1.58 6.88
C GLY A 395 -39.53 -0.33 6.18
N GLU A 396 -39.16 0.71 6.92
CA GLU A 396 -38.63 1.91 6.29
C GLU A 396 -37.28 1.64 5.66
N LEU A 397 -36.88 2.54 4.77
CA LEU A 397 -35.64 2.42 4.01
C LEU A 397 -34.78 3.63 4.28
N GLY A 398 -33.50 3.40 4.60
CA GLY A 398 -32.57 4.47 4.89
C GLY A 398 -31.23 4.22 4.24
N TYR A 399 -30.40 5.27 4.24
CA TYR A 399 -29.10 5.26 3.57
C TYR A 399 -28.03 5.69 4.56
N LEU A 400 -26.95 4.93 4.63
CA LEU A 400 -25.85 5.20 5.54
C LEU A 400 -24.70 5.89 4.83
N ASN A 401 -23.77 6.41 5.62
CA ASN A 401 -22.57 7.00 5.07
C ASN A 401 -21.73 5.92 4.39
N PRO A 402 -20.89 6.29 3.40
CA PRO A 402 -20.09 5.26 2.72
C PRO A 402 -19.17 4.46 3.63
N GLY A 403 -18.30 5.11 4.39
CA GLY A 403 -17.26 4.43 5.14
C GLY A 403 -17.33 4.57 6.65
N VAL A 404 -18.53 4.52 7.22
CA VAL A 404 -18.67 4.72 8.65
C VAL A 404 -18.17 3.50 9.41
N PHE A 405 -17.60 3.74 10.59
CA PHE A 405 -17.11 2.68 11.47
C PHE A 405 -16.01 1.86 10.82
N THR A 406 -15.15 2.50 10.03
CA THR A 406 -14.03 1.83 9.39
C THR A 406 -12.83 2.77 9.33
N GLN A 407 -11.64 2.17 9.26
CA GLN A 407 -10.39 2.90 9.20
C GLN A 407 -9.56 2.53 7.98
N SER A 408 -10.19 1.91 6.98
CA SER A 408 -9.50 1.57 5.74
C SER A 408 -10.54 1.45 4.64
N ARG A 409 -10.06 1.49 3.39
CA ARG A 409 -10.92 1.49 2.21
C ARG A 409 -10.65 0.29 1.30
N ARG A 410 -10.19 -0.82 1.88
CA ARG A 410 -10.02 -2.07 1.14
C ARG A 410 -11.24 -2.98 1.22
N TRP A 411 -12.25 -2.63 2.02
CA TRP A 411 -13.46 -3.44 2.11
C TRP A 411 -14.32 -3.36 0.86
N LYS A 412 -13.99 -2.45 -0.08
CA LYS A 412 -14.78 -2.31 -1.30
C LYS A 412 -14.41 -3.37 -2.32
N ASP A 413 -13.12 -3.67 -2.45
CA ASP A 413 -12.66 -4.56 -3.50
C ASP A 413 -12.88 -6.04 -3.17
N HIS A 414 -12.89 -6.40 -1.90
CA HIS A 414 -12.87 -7.78 -1.46
C HIS A 414 -14.19 -8.15 -0.79
N ALA A 415 -14.70 -9.34 -1.12
CA ALA A 415 -16.00 -9.78 -0.63
C ALA A 415 -15.94 -10.27 0.81
N ASP A 416 -14.85 -10.94 1.19
CA ASP A 416 -14.74 -11.46 2.55
C ASP A 416 -14.75 -10.33 3.58
N MET A 417 -14.10 -9.22 3.26
CA MET A 417 -14.15 -8.06 4.14
C MET A 417 -15.52 -7.40 4.13
N LEU A 418 -16.23 -7.47 3.00
CA LEU A 418 -17.58 -6.90 2.93
C LEU A 418 -18.54 -7.65 3.83
N LYS A 419 -18.40 -8.98 3.92
CA LYS A 419 -19.25 -9.75 4.82
C LYS A 419 -19.01 -9.33 6.28
N GLN A 420 -17.75 -9.16 6.66
CA GLN A 420 -17.44 -8.72 8.02
C GLN A 420 -17.99 -7.32 8.28
N TYR A 421 -17.89 -6.43 7.29
CA TYR A 421 -18.45 -5.09 7.44
C TYR A 421 -19.96 -5.15 7.65
N ALA A 422 -20.64 -5.99 6.88
CA ALA A 422 -22.08 -6.12 7.03
C ALA A 422 -22.45 -6.65 8.42
N THR A 423 -21.73 -7.67 8.90
CA THR A 423 -22.02 -8.20 10.23
C THR A 423 -21.76 -7.16 11.32
N CYS A 424 -20.67 -6.39 11.18
CA CYS A 424 -20.36 -5.34 12.15
C CYS A 424 -21.47 -4.30 12.18
N LEU A 425 -21.95 -3.88 11.01
CA LEU A 425 -23.05 -2.92 10.97
C LEU A 425 -24.31 -3.52 11.58
N SER A 426 -24.56 -4.80 11.33
CA SER A 426 -25.74 -5.44 11.91
C SER A 426 -25.67 -5.44 13.43
N ARG A 427 -24.47 -5.63 13.99
CA ARG A 427 -24.34 -5.61 15.44
C ARG A 427 -24.42 -4.19 16.00
N LEU A 428 -23.90 -3.19 15.29
CA LEU A 428 -23.84 -1.83 15.83
C LEU A 428 -25.12 -1.03 15.64
N LEU A 429 -25.86 -1.25 14.55
CA LEU A 429 -27.05 -0.44 14.30
C LEU A 429 -28.12 -0.51 15.39
N PRO A 430 -28.42 -1.67 16.01
CA PRO A 430 -29.54 -1.72 16.97
C PRO A 430 -29.46 -0.75 18.14
N LYS A 431 -28.31 -0.13 18.42
CA LYS A 431 -28.28 0.94 19.41
C LYS A 431 -28.70 2.29 18.84
N TYR A 432 -29.05 2.35 17.55
CA TYR A 432 -29.63 3.53 16.92
C TYR A 432 -31.07 3.29 16.48
N ASN A 433 -31.77 2.39 17.16
CA ASN A 433 -33.20 2.08 16.99
C ASN A 433 -33.53 1.29 15.72
N VAL A 434 -32.54 0.85 14.95
CA VAL A 434 -32.77 0.05 13.75
C VAL A 434 -32.73 -1.42 14.13
N THR A 435 -33.84 -2.12 13.95
CA THR A 435 -34.00 -3.51 14.39
C THR A 435 -33.95 -4.45 13.19
N GLU A 436 -33.02 -5.40 13.24
CA GLU A 436 -32.90 -6.45 12.23
C GLU A 436 -32.70 -5.87 10.84
N PRO A 437 -31.61 -5.16 10.58
CA PRO A 437 -31.42 -4.53 9.27
C PRO A 437 -31.03 -5.53 8.20
N GLN A 438 -31.37 -5.18 6.96
CA GLN A 438 -30.91 -5.86 5.76
C GLN A 438 -30.11 -4.86 4.94
N ILE A 439 -28.84 -5.16 4.71
CA ILE A 439 -27.88 -4.18 4.17
C ILE A 439 -27.52 -4.58 2.75
N TYR A 440 -27.66 -3.62 1.82
CA TYR A 440 -27.29 -3.78 0.42
C TYR A 440 -26.15 -2.83 0.09
N PHE A 441 -25.32 -3.23 -0.88
CA PHE A 441 -24.16 -2.46 -1.31
C PHE A 441 -24.20 -2.27 -2.82
N ASP A 442 -23.63 -1.15 -3.26
CA ASP A 442 -23.55 -0.83 -4.69
C ASP A 442 -22.29 -0.02 -4.91
N ILE A 443 -21.26 -0.64 -5.48
CA ILE A 443 -19.92 -0.06 -5.59
C ILE A 443 -19.53 0.00 -7.06
N TRP A 444 -18.96 1.13 -7.47
CA TRP A 444 -18.52 1.36 -8.84
C TRP A 444 -17.00 1.51 -8.85
N VAL A 445 -16.31 0.54 -9.47
CA VAL A 445 -14.86 0.50 -9.50
C VAL A 445 -14.39 0.16 -10.90
N SER A 446 -13.23 0.71 -11.27
CA SER A 446 -12.60 0.44 -12.56
C SER A 446 -11.13 0.16 -12.36
N ILE A 447 -10.61 -0.85 -13.08
CA ILE A 447 -9.24 -1.31 -12.96
C ILE A 447 -8.52 -1.02 -14.28
N ASN A 448 -7.41 -0.27 -14.19
CA ASN A 448 -6.55 0.03 -15.33
C ASN A 448 -7.33 0.70 -16.46
N ASP A 449 -8.13 1.70 -16.09
CA ASP A 449 -8.81 2.57 -17.05
C ASP A 449 -9.75 1.78 -17.96
N ARG A 450 -10.70 1.09 -17.34
CA ARG A 450 -11.80 0.41 -18.02
C ARG A 450 -13.10 1.12 -17.68
N PHE A 451 -14.19 0.59 -18.24
CA PHE A 451 -15.51 1.11 -17.92
C PHE A 451 -15.86 0.85 -16.47
N GLN A 452 -16.44 1.84 -15.80
CA GLN A 452 -16.95 1.64 -14.46
C GLN A 452 -18.07 0.61 -14.49
N GLN A 453 -18.04 -0.32 -13.55
CA GLN A 453 -19.06 -1.35 -13.47
C GLN A 453 -19.19 -1.82 -12.03
N ARG A 454 -20.34 -2.42 -11.73
CA ARG A 454 -20.59 -2.92 -10.38
C ARG A 454 -19.66 -4.09 -10.07
N ILE A 455 -19.25 -4.17 -8.81
CA ILE A 455 -18.42 -5.26 -8.33
C ILE A 455 -19.21 -6.25 -7.47
N PHE A 456 -20.33 -5.84 -6.88
CA PHE A 456 -21.20 -6.71 -6.11
C PHE A 456 -22.63 -6.54 -6.57
N ASP A 457 -23.42 -7.57 -6.35
CA ASP A 457 -24.81 -7.55 -6.76
C ASP A 457 -25.58 -6.59 -5.87
N PRO A 458 -26.27 -5.58 -6.41
CA PRO A 458 -26.98 -4.63 -5.54
C PRO A 458 -28.35 -5.08 -5.07
N ARG A 459 -28.69 -6.36 -5.22
CA ARG A 459 -29.98 -6.89 -4.78
C ARG A 459 -29.86 -7.97 -3.71
N VAL A 460 -28.65 -8.31 -3.28
CA VAL A 460 -28.42 -9.41 -2.34
C VAL A 460 -28.20 -8.84 -0.95
N ASP A 461 -28.91 -9.38 0.03
CA ASP A 461 -28.74 -9.00 1.42
C ASP A 461 -27.43 -9.60 1.93
N ILE A 462 -26.39 -8.77 2.01
CA ILE A 462 -25.07 -9.25 2.40
C ILE A 462 -25.07 -9.74 3.85
N VAL A 463 -25.98 -9.24 4.69
CA VAL A 463 -25.99 -9.62 6.10
C VAL A 463 -26.25 -11.12 6.25
N GLN A 464 -27.21 -11.64 5.48
CA GLN A 464 -27.64 -13.04 5.56
C GLN A 464 -27.36 -13.77 4.25
N ALA A 465 -26.21 -13.49 3.63
CA ALA A 465 -25.79 -14.17 2.41
C ALA A 465 -24.96 -15.40 2.79
N ALA A 466 -24.33 -16.02 1.79
CA ALA A 466 -23.54 -17.23 1.97
C ALA A 466 -22.10 -16.96 1.56
N TRP A 467 -21.16 -17.33 2.43
CA TRP A 467 -19.74 -17.17 2.13
C TRP A 467 -18.95 -18.21 2.91
N SER A 468 -18.14 -18.99 2.20
CA SER A 468 -17.19 -19.91 2.79
C SER A 468 -15.84 -19.72 2.12
N PRO A 469 -14.72 -19.94 2.83
CA PRO A 469 -13.41 -19.67 2.20
C PRO A 469 -13.09 -20.57 1.03
N PHE A 470 -13.74 -21.73 0.89
CA PHE A 470 -13.36 -22.74 -0.09
C PHE A 470 -14.41 -22.93 -1.18
N GLN A 471 -15.29 -21.96 -1.38
CA GLN A 471 -16.28 -22.01 -2.46
C GLN A 471 -16.41 -20.63 -3.08
N ARG A 472 -16.80 -20.60 -4.34
CA ARG A 472 -16.94 -19.35 -5.07
C ARG A 472 -18.16 -18.57 -4.58
N THR A 473 -18.00 -17.25 -4.47
CA THR A 473 -19.08 -16.38 -4.05
C THR A 473 -20.03 -16.14 -5.22
N SER A 474 -21.33 -16.25 -4.97
CA SER A 474 -22.33 -16.13 -6.02
C SER A 474 -22.77 -14.70 -6.27
N TRP A 475 -22.37 -13.74 -5.43
CA TRP A 475 -22.82 -12.35 -5.52
C TRP A 475 -21.66 -11.40 -5.85
N VAL A 476 -20.75 -11.84 -6.71
CA VAL A 476 -19.67 -11.01 -7.24
C VAL A 476 -19.79 -11.00 -8.76
N GLN A 477 -19.93 -9.81 -9.34
CA GLN A 477 -20.18 -9.71 -10.77
C GLN A 477 -18.90 -10.04 -11.55
N PRO A 478 -19.02 -10.74 -12.69
CA PRO A 478 -17.82 -10.97 -13.51
C PRO A 478 -17.30 -9.69 -14.14
N LEU A 479 -16.00 -9.65 -14.36
CA LEU A 479 -15.37 -8.53 -15.04
C LEU A 479 -15.67 -8.61 -16.53
N LEU A 480 -16.14 -7.50 -17.10
CA LEU A 480 -16.43 -7.42 -18.53
C LEU A 480 -15.13 -7.12 -19.27
N MET A 481 -14.33 -8.16 -19.47
CA MET A 481 -13.08 -8.01 -20.22
C MET A 481 -13.30 -7.95 -21.72
N ASP A 482 -14.49 -8.31 -22.21
CA ASP A 482 -14.77 -8.17 -23.63
C ASP A 482 -14.76 -6.71 -24.07
N LEU A 483 -15.02 -5.78 -23.15
CA LEU A 483 -14.93 -4.35 -23.40
C LEU A 483 -13.51 -3.81 -23.17
N SER A 484 -12.53 -4.68 -22.98
CA SER A 484 -11.15 -4.22 -22.86
C SER A 484 -10.65 -3.43 -24.07
N PRO A 485 -10.85 -3.84 -25.33
CA PRO A 485 -10.26 -3.07 -26.44
C PRO A 485 -10.83 -1.67 -26.61
N TRP A 486 -11.93 -1.32 -25.94
CA TRP A 486 -12.51 0.01 -26.08
C TRP A 486 -11.61 1.12 -25.55
N ARG A 487 -10.61 0.78 -24.72
CA ARG A 487 -9.85 1.82 -24.02
C ARG A 487 -9.13 2.76 -24.98
N ALA A 488 -8.66 2.24 -26.11
CA ALA A 488 -7.97 3.08 -27.08
C ALA A 488 -8.90 4.18 -27.59
N LYS A 489 -10.19 3.87 -27.73
CA LYS A 489 -11.14 4.92 -28.11
C LYS A 489 -11.37 5.91 -26.98
N LEU A 490 -11.40 5.43 -25.74
CA LEU A 490 -11.85 6.28 -24.63
C LEU A 490 -10.94 7.49 -24.46
N GLN A 491 -9.61 7.27 -24.49
CA GLN A 491 -8.68 8.38 -24.37
C GLN A 491 -8.92 9.40 -25.48
N GLU A 492 -9.22 8.93 -26.68
CA GLU A 492 -9.50 9.85 -27.78
C GLU A 492 -10.71 10.72 -27.47
N ILE A 493 -11.72 10.14 -26.83
CA ILE A 493 -12.86 10.94 -26.39
C ILE A 493 -12.44 11.85 -25.24
N LYS A 494 -11.57 11.37 -24.35
CA LYS A 494 -11.22 12.13 -23.17
C LYS A 494 -10.24 13.25 -23.45
N SER A 495 -9.50 13.20 -24.57
CA SER A 495 -8.53 14.22 -24.92
C SER A 495 -9.10 15.32 -25.82
N SER A 496 -10.37 15.23 -26.20
CA SER A 496 -11.00 16.21 -27.07
C SER A 496 -11.87 17.21 -26.31
N LEU A 497 -11.85 17.16 -24.98
CA LEU A 497 -12.69 18.01 -24.17
C LEU A 497 -11.96 19.31 -23.81
N ASP A 498 -12.74 20.30 -23.38
CA ASP A 498 -12.19 21.60 -23.00
C ASP A 498 -11.61 21.50 -21.59
N ASN A 499 -11.24 22.64 -21.02
CA ASN A 499 -10.70 22.70 -19.66
C ASN A 499 -11.78 22.70 -18.59
N HIS A 500 -13.07 22.76 -18.97
CA HIS A 500 -14.17 22.73 -18.02
C HIS A 500 -14.98 21.45 -18.08
N THR A 501 -15.12 20.85 -19.26
CA THR A 501 -15.90 19.63 -19.41
C THR A 501 -15.22 18.46 -18.74
N GLU A 502 -16.02 17.56 -18.17
CA GLU A 502 -15.53 16.32 -17.59
C GLU A 502 -16.43 15.16 -18.04
N VAL A 503 -15.85 13.97 -18.11
CA VAL A 503 -16.48 12.80 -18.69
C VAL A 503 -16.40 11.62 -17.73
N VAL A 504 -17.48 10.84 -17.66
CA VAL A 504 -17.53 9.61 -16.88
C VAL A 504 -18.10 8.51 -17.75
N PHE A 505 -17.55 7.30 -17.62
CA PHE A 505 -17.94 6.14 -18.43
C PHE A 505 -18.55 5.07 -17.56
N ILE A 506 -19.65 4.46 -18.03
CA ILE A 506 -20.38 3.44 -17.30
C ILE A 506 -20.67 2.28 -18.22
N ALA A 507 -20.56 1.06 -17.68
CA ALA A 507 -20.98 -0.16 -18.35
C ALA A 507 -21.83 -0.96 -17.37
N ASP A 508 -23.03 -1.34 -17.81
CA ASP A 508 -24.05 -1.88 -16.92
C ASP A 508 -24.60 -3.19 -17.47
N PHE A 509 -25.00 -4.06 -16.54
CA PHE A 509 -25.45 -5.40 -16.86
C PHE A 509 -26.92 -5.42 -17.26
N PRO A 510 -27.37 -6.45 -17.98
CA PRO A 510 -28.81 -6.54 -18.30
C PRO A 510 -29.66 -6.74 -17.07
N GLY A 511 -30.85 -6.14 -17.09
CA GLY A 511 -31.80 -6.28 -16.02
C GLY A 511 -31.59 -5.37 -14.83
N LEU A 512 -30.51 -4.58 -14.82
CA LEU A 512 -30.19 -3.68 -13.73
C LEU A 512 -30.27 -2.25 -14.23
N HIS A 513 -30.54 -1.32 -13.31
CA HIS A 513 -30.72 0.08 -13.63
C HIS A 513 -29.92 0.94 -12.66
N LEU A 514 -29.50 2.11 -13.14
CA LEU A 514 -28.77 3.08 -12.34
C LEU A 514 -29.65 4.29 -12.11
N GLU A 515 -29.86 4.64 -10.84
CA GLU A 515 -30.62 5.82 -10.44
C GLU A 515 -29.63 6.90 -10.01
N ASN A 516 -29.76 8.09 -10.59
CA ASN A 516 -28.79 9.16 -10.42
C ASN A 516 -29.50 10.47 -10.15
N PHE A 517 -28.98 11.23 -9.18
CA PHE A 517 -29.48 12.54 -8.81
C PHE A 517 -28.41 13.56 -9.15
N VAL A 518 -28.54 14.18 -10.32
CA VAL A 518 -27.56 15.18 -10.75
C VAL A 518 -27.76 16.45 -9.94
N SER A 519 -26.65 17.00 -9.44
CA SER A 519 -26.71 18.16 -8.57
C SER A 519 -27.18 19.40 -9.33
N GLU A 520 -27.65 20.39 -8.56
CA GLU A 520 -28.11 21.64 -9.15
C GLU A 520 -26.99 22.41 -9.84
N ASP A 521 -25.73 22.17 -9.45
CA ASP A 521 -24.62 22.91 -10.04
C ASP A 521 -24.28 22.42 -11.44
N LEU A 522 -24.42 21.12 -11.70
CA LEU A 522 -24.01 20.53 -12.98
C LEU A 522 -25.06 20.77 -14.07
N GLY A 523 -25.28 22.04 -14.38
CA GLY A 523 -26.05 22.37 -15.56
C GLY A 523 -25.29 22.04 -16.82
N ASN A 524 -26.03 21.88 -17.91
CA ASN A 524 -25.49 21.41 -19.18
C ASN A 524 -24.82 20.04 -19.02
N THR A 525 -25.65 19.05 -18.66
CA THR A 525 -25.23 17.66 -18.53
C THR A 525 -25.94 16.84 -19.60
N SER A 526 -25.19 15.96 -20.27
CA SER A 526 -25.69 15.19 -21.40
C SER A 526 -25.30 13.72 -21.25
N ILE A 527 -26.13 12.85 -21.82
CA ILE A 527 -25.92 11.41 -21.83
C ILE A 527 -25.87 10.94 -23.27
N GLN A 528 -24.83 10.18 -23.62
CA GLN A 528 -24.65 9.64 -24.96
C GLN A 528 -24.39 8.14 -24.85
N LEU A 529 -25.03 7.37 -25.73
CA LEU A 529 -24.91 5.92 -25.73
C LEU A 529 -23.81 5.48 -26.68
N LEU A 530 -23.01 4.52 -26.23
CA LEU A 530 -21.89 3.99 -27.01
C LEU A 530 -22.14 2.58 -27.54
N GLN A 531 -22.69 1.70 -26.72
CA GLN A 531 -22.95 0.33 -27.16
C GLN A 531 -24.14 -0.22 -26.39
N GLY A 532 -24.99 -0.98 -27.08
CA GLY A 532 -26.12 -1.63 -26.46
C GLY A 532 -27.42 -0.91 -26.68
N GLU A 533 -28.32 -1.00 -25.70
CA GLU A 533 -29.64 -0.36 -25.78
C GLU A 533 -30.12 -0.08 -24.37
N VAL A 534 -30.46 1.18 -24.10
CA VAL A 534 -30.90 1.61 -22.78
C VAL A 534 -32.15 2.47 -22.94
N THR A 535 -32.89 2.59 -21.83
CA THR A 535 -34.03 3.50 -21.73
C THR A 535 -33.82 4.43 -20.55
N VAL A 536 -33.95 5.72 -20.78
CA VAL A 536 -33.71 6.75 -19.78
C VAL A 536 -35.04 7.31 -19.35
N GLU A 537 -35.30 7.27 -18.04
CA GLU A 537 -36.57 7.67 -17.44
C GLU A 537 -36.35 8.92 -16.61
N LEU A 538 -37.18 9.93 -16.84
CA LEU A 538 -37.30 11.10 -15.96
C LEU A 538 -38.53 10.88 -15.09
N VAL A 539 -38.32 10.90 -13.77
CA VAL A 539 -39.41 10.68 -12.82
C VAL A 539 -40.22 11.93 -12.54
N ALA A 540 -39.73 13.11 -12.90
CA ALA A 540 -40.47 14.34 -12.64
C ALA A 540 -41.79 14.34 -13.39
N GLU A 541 -41.80 13.87 -14.64
CA GLU A 541 -43.01 13.72 -15.43
C GLU A 541 -43.31 12.27 -15.80
N GLN A 542 -42.53 11.30 -15.30
CA GLN A 542 -42.74 9.88 -15.58
C GLN A 542 -42.73 9.62 -17.09
N LYS A 543 -41.64 10.02 -17.72
CA LYS A 543 -41.47 9.90 -19.17
C LYS A 543 -40.15 9.21 -19.46
N ASN A 544 -40.19 8.13 -20.24
CA ASN A 544 -39.00 7.37 -20.58
C ASN A 544 -38.81 7.30 -22.09
N GLN A 545 -37.56 7.47 -22.52
CA GLN A 545 -37.17 7.44 -23.92
C GLN A 545 -36.17 6.32 -24.14
N THR A 546 -36.36 5.56 -25.23
CA THR A 546 -35.46 4.49 -25.61
C THR A 546 -34.39 5.03 -26.54
N LEU A 547 -33.13 4.72 -26.25
CA LEU A 547 -31.99 5.25 -26.99
C LEU A 547 -31.30 4.14 -27.76
N ARG A 548 -30.87 4.46 -28.97
CA ARG A 548 -30.05 3.61 -29.83
C ARG A 548 -28.62 4.12 -29.81
N GLU A 549 -27.74 3.47 -30.57
CA GLU A 549 -26.33 3.83 -30.56
C GLU A 549 -26.12 5.22 -31.13
N GLY A 550 -25.38 6.05 -30.40
CA GLY A 550 -25.01 7.37 -30.89
C GLY A 550 -26.05 8.45 -30.74
N GLU A 551 -26.98 8.29 -29.80
CA GLU A 551 -28.03 9.28 -29.56
C GLU A 551 -27.76 10.01 -28.26
N LYS A 552 -27.83 11.34 -28.31
CA LYS A 552 -27.49 12.21 -27.18
C LYS A 552 -28.77 12.83 -26.63
N MET A 553 -28.83 12.94 -25.30
CA MET A 553 -29.96 13.53 -24.61
C MET A 553 -29.47 14.51 -23.56
N GLN A 554 -30.25 15.57 -23.36
CA GLN A 554 -29.93 16.63 -22.41
C GLN A 554 -30.75 16.40 -21.14
N LEU A 555 -30.08 16.07 -20.05
CA LEU A 555 -30.74 15.70 -18.80
C LEU A 555 -31.05 16.93 -17.95
N PRO A 556 -31.96 16.81 -16.99
CA PRO A 556 -32.22 17.93 -16.08
C PRO A 556 -31.01 18.25 -15.22
N ALA A 557 -31.14 19.32 -14.44
CA ALA A 557 -30.15 19.69 -13.42
C ALA A 557 -30.91 19.92 -12.11
N GLY A 558 -30.95 18.90 -11.26
CA GLY A 558 -31.61 18.98 -9.97
C GLY A 558 -32.81 18.06 -9.83
N GLU A 559 -32.79 16.93 -10.52
CA GLU A 559 -33.89 15.97 -10.45
C GLU A 559 -33.33 14.56 -10.65
N TYR A 560 -34.09 13.58 -10.19
CA TYR A 560 -33.70 12.19 -10.36
C TYR A 560 -33.87 11.75 -11.81
N HIS A 561 -33.05 10.79 -12.22
CA HIS A 561 -33.24 10.13 -13.50
C HIS A 561 -32.65 8.74 -13.44
N LYS A 562 -33.31 7.79 -14.09
CA LYS A 562 -32.91 6.40 -14.10
C LYS A 562 -32.51 5.99 -15.51
N VAL A 563 -31.56 5.06 -15.61
CA VAL A 563 -31.18 4.45 -16.88
C VAL A 563 -31.28 2.95 -16.70
N TYR A 564 -32.18 2.33 -17.48
CA TYR A 564 -32.39 0.89 -17.49
C TYR A 564 -31.65 0.28 -18.68
N THR A 565 -30.99 -0.85 -18.45
CA THR A 565 -30.31 -1.61 -19.50
C THR A 565 -31.24 -2.73 -19.95
N THR A 566 -31.78 -2.61 -21.15
CA THR A 566 -32.75 -3.57 -21.69
C THR A 566 -32.14 -4.54 -22.70
N SER A 567 -30.90 -4.34 -23.13
CA SER A 567 -30.33 -5.21 -24.13
C SER A 567 -29.99 -6.57 -23.52
N PRO A 568 -29.92 -7.64 -24.32
CA PRO A 568 -29.47 -8.94 -23.78
C PRO A 568 -28.03 -8.96 -23.29
N SER A 569 -27.22 -7.97 -23.67
CA SER A 569 -25.81 -7.91 -23.34
C SER A 569 -25.50 -6.58 -22.62
N PRO A 570 -24.37 -6.48 -21.93
CA PRO A 570 -24.06 -5.25 -21.19
C PRO A 570 -24.01 -4.02 -22.10
N SER A 571 -24.46 -2.89 -21.57
CA SER A 571 -24.57 -1.64 -22.31
C SER A 571 -23.59 -0.63 -21.75
N CYS A 572 -22.91 0.09 -22.66
CA CYS A 572 -21.90 1.08 -22.31
C CYS A 572 -22.37 2.46 -22.74
N TYR A 573 -22.38 3.40 -21.80
CA TYR A 573 -22.76 4.79 -22.05
C TYR A 573 -21.85 5.72 -21.26
N MET A 574 -22.05 7.03 -21.44
CA MET A 574 -21.17 8.04 -20.87
C MET A 574 -21.96 9.27 -20.46
N TYR A 575 -21.40 10.00 -19.50
CA TYR A 575 -21.90 11.29 -19.04
C TYR A 575 -20.86 12.35 -19.33
N VAL A 576 -21.33 13.51 -19.80
CA VAL A 576 -20.49 14.67 -20.08
C VAL A 576 -21.12 15.86 -19.36
N TYR A 577 -20.37 16.48 -18.43
CA TYR A 577 -20.92 17.52 -17.59
C TYR A 577 -19.91 18.66 -17.40
N VAL A 578 -20.44 19.86 -17.15
CA VAL A 578 -19.66 21.05 -16.86
C VAL A 578 -20.27 21.75 -15.66
N ASN A 579 -19.42 22.15 -14.72
CA ASN A 579 -19.88 22.82 -13.49
C ASN A 579 -20.15 24.28 -13.81
N THR A 580 -21.43 24.61 -14.01
CA THR A 580 -21.79 25.97 -14.40
C THR A 580 -21.51 26.97 -13.30
N THR A 581 -21.81 26.60 -12.04
CA THR A 581 -21.58 27.52 -10.94
C THR A 581 -20.11 27.89 -10.80
N GLU A 582 -19.23 26.90 -10.90
CA GLU A 582 -17.80 27.17 -10.80
C GLU A 582 -17.33 28.04 -11.96
N LEU A 583 -17.89 27.81 -13.16
CA LEU A 583 -17.51 28.63 -14.31
C LEU A 583 -17.92 30.09 -14.10
N ALA A 584 -19.14 30.31 -13.61
CA ALA A 584 -19.58 31.68 -13.35
C ALA A 584 -18.74 32.34 -12.27
N LEU A 585 -18.44 31.60 -11.19
CA LEU A 585 -17.59 32.13 -10.13
C LEU A 585 -16.21 32.48 -10.65
N GLU A 586 -15.65 31.62 -11.51
CA GLU A 586 -14.32 31.87 -12.04
C GLU A 586 -14.30 33.09 -12.95
N GLN A 587 -15.33 33.26 -13.78
CA GLN A 587 -15.40 34.46 -14.62
C GLN A 587 -15.52 35.71 -13.77
N ASP A 588 -16.36 35.68 -12.74
CA ASP A 588 -16.50 36.85 -11.86
C ASP A 588 -15.20 37.16 -11.13
N LEU A 589 -14.52 36.12 -10.63
CA LEU A 589 -13.26 36.33 -9.91
C LEU A 589 -12.19 36.87 -10.85
N ALA A 590 -12.13 36.37 -12.07
CA ALA A 590 -11.18 36.89 -13.04
C ALA A 590 -11.46 38.36 -13.35
N TYR A 591 -12.74 38.72 -13.48
CA TYR A 591 -13.09 40.11 -13.72
C TYR A 591 -12.67 40.99 -12.55
N LEU A 592 -12.90 40.53 -11.32
CA LEU A 592 -12.50 41.30 -10.15
C LEU A 592 -10.99 41.48 -10.09
N GLN A 593 -10.23 40.42 -10.37
CA GLN A 593 -8.78 40.53 -10.38
C GLN A 593 -8.31 41.48 -11.47
N GLU A 594 -8.95 41.43 -12.64
CA GLU A 594 -8.60 42.34 -13.73
C GLU A 594 -8.85 43.79 -13.32
N LEU A 595 -9.98 44.05 -12.66
CA LEU A 595 -10.25 45.41 -12.20
C LEU A 595 -9.23 45.85 -11.15
N LYS A 596 -8.85 44.96 -10.24
CA LYS A 596 -7.83 45.31 -9.26
C LYS A 596 -6.50 45.65 -9.93
N GLU A 597 -6.11 44.84 -10.92
CA GLU A 597 -4.88 45.12 -11.66
C GLU A 597 -4.96 46.44 -12.40
N LYS A 598 -6.12 46.74 -13.00
CA LYS A 598 -6.31 48.01 -13.68
C LYS A 598 -6.16 49.18 -12.71
N VAL A 599 -6.72 49.05 -11.52
CA VAL A 599 -6.58 50.11 -10.51
C VAL A 599 -5.11 50.25 -10.11
N GLU A 600 -4.42 49.14 -9.93
CA GLU A 600 -3.02 49.20 -9.48
C GLU A 600 -2.13 49.87 -10.51
N ASN A 601 -2.29 49.55 -11.79
CA ASN A 601 -1.42 50.09 -12.83
C ASN A 601 -1.81 51.52 -13.24
N GLY A 602 -2.85 52.09 -12.65
CA GLY A 602 -3.25 53.46 -12.90
C GLY A 602 -4.47 53.63 -13.77
N SER A 603 -4.86 52.59 -14.51
CA SER A 603 -6.10 52.65 -15.28
C SER A 603 -7.30 52.62 -14.33
N GLU A 604 -8.47 52.93 -14.89
CA GLU A 604 -9.70 53.06 -14.10
C GLU A 604 -9.53 54.14 -13.02
N THR A 605 -9.30 55.36 -13.50
CA THR A 605 -9.03 56.49 -12.60
C THR A 605 -10.19 56.79 -11.66
N GLY A 606 -11.40 56.36 -12.00
CA GLY A 606 -12.55 56.62 -11.16
C GLY A 606 -12.41 55.99 -9.79
N PRO A 607 -13.05 56.55 -8.76
CA PRO A 607 -12.88 56.01 -7.41
C PRO A 607 -13.37 54.58 -7.31
N LEU A 608 -12.66 53.77 -6.52
CA LEU A 608 -13.00 52.38 -6.37
C LEU A 608 -14.33 52.24 -5.62
N PRO A 609 -15.12 51.19 -5.89
CA PRO A 609 -16.30 50.95 -5.08
C PRO A 609 -15.91 50.61 -3.66
N PRO A 610 -16.80 50.84 -2.68
CA PRO A 610 -16.46 50.46 -1.29
C PRO A 610 -16.19 48.97 -1.12
N GLU A 611 -16.88 48.12 -1.87
CA GLU A 611 -16.65 46.68 -1.78
C GLU A 611 -15.24 46.32 -2.22
N LEU A 612 -14.68 47.07 -3.16
CA LEU A 612 -13.32 46.81 -3.62
C LEU A 612 -12.27 47.28 -2.61
N GLN A 613 -12.63 48.17 -1.69
CA GLN A 613 -11.65 48.72 -0.76
C GLN A 613 -11.01 47.65 0.12
N PRO A 614 -11.74 46.66 0.67
CA PRO A 614 -11.06 45.57 1.39
C PRO A 614 -10.03 44.83 0.56
N LEU A 615 -10.25 44.68 -0.75
CA LEU A 615 -9.28 43.97 -1.58
C LEU A 615 -7.94 44.68 -1.61
N LEU A 616 -7.95 45.99 -1.87
CA LEU A 616 -6.71 46.75 -1.85
C LEU A 616 -6.12 46.79 -0.44
N GLU A 617 -6.96 47.03 0.57
CA GLU A 617 -6.46 47.06 1.94
C GLU A 617 -5.95 45.69 2.37
N GLY A 618 -6.67 44.63 2.02
CA GLY A 618 -6.29 43.28 2.38
C GLY A 618 -6.67 42.85 3.78
N GLU A 619 -7.30 43.73 4.57
CA GLU A 619 -7.71 43.42 5.94
C GLU A 619 -9.08 44.01 6.18
N VAL A 620 -9.99 43.19 6.72
CA VAL A 620 -11.35 43.64 7.04
C VAL A 620 -11.28 44.19 8.47
N LYS A 621 -10.99 45.48 8.58
CA LYS A 621 -10.96 46.18 9.85
C LYS A 621 -11.71 47.49 9.71
N GLY A 622 -12.61 47.76 10.66
CA GLY A 622 -13.38 49.00 10.63
C GLY A 622 -14.27 49.15 9.41
N GLY A 623 -14.96 48.07 9.02
CA GLY A 623 -15.85 48.12 7.88
C GLY A 623 -16.74 46.90 7.78
N PRO A 624 -17.62 46.89 6.77
CA PRO A 624 -18.54 45.76 6.61
C PRO A 624 -17.80 44.48 6.25
N GLU A 625 -18.38 43.36 6.63
CA GLU A 625 -17.78 42.06 6.36
C GLU A 625 -17.70 41.83 4.86
N PRO A 626 -16.66 41.16 4.36
CA PRO A 626 -16.51 41.01 2.91
C PRO A 626 -17.57 40.11 2.32
N THR A 627 -17.85 40.33 1.04
CA THR A 627 -18.78 39.48 0.31
C THR A 627 -18.15 38.11 0.08
N PRO A 628 -18.96 37.09 -0.23
CA PRO A 628 -18.37 35.77 -0.52
C PRO A 628 -17.36 35.78 -1.66
N LEU A 629 -17.60 36.61 -2.68
CA LEU A 629 -16.64 36.72 -3.78
C LEU A 629 -15.30 37.25 -3.26
N VAL A 630 -15.35 38.26 -2.39
CA VAL A 630 -14.13 38.82 -1.82
C VAL A 630 -13.41 37.76 -0.99
N GLN A 631 -14.16 37.00 -0.20
CA GLN A 631 -13.54 35.96 0.64
C GLN A 631 -12.87 34.91 -0.23
N THR A 632 -13.53 34.48 -1.30
CA THR A 632 -12.92 33.48 -2.18
C THR A 632 -11.67 34.03 -2.84
N PHE A 633 -11.71 35.27 -3.31
CA PHE A 633 -10.53 35.87 -3.94
C PHE A 633 -9.36 35.98 -2.97
N LEU A 634 -9.63 36.42 -1.74
CA LEU A 634 -8.57 36.54 -0.74
C LEU A 634 -8.01 35.17 -0.40
N ARG A 635 -8.89 34.16 -0.26
CA ARG A 635 -8.41 32.81 0.03
C ARG A 635 -7.52 32.29 -1.09
N ARG A 636 -7.91 32.52 -2.34
CA ARG A 636 -7.08 32.07 -3.46
C ARG A 636 -5.74 32.80 -3.46
N GLN A 637 -5.75 34.10 -3.16
CA GLN A 637 -4.49 34.84 -3.10
C GLN A 637 -3.58 34.31 -2.02
N GLN A 638 -4.14 34.02 -0.84
CA GLN A 638 -3.33 33.47 0.25
C GLN A 638 -2.77 32.11 -0.12
N ARG A 639 -3.59 31.25 -0.73
CA ARG A 639 -3.12 29.93 -1.13
C ARG A 639 -2.00 30.05 -2.16
N LEU A 640 -2.16 30.94 -3.14
CA LEU A 640 -1.13 31.12 -4.16
C LEU A 640 0.17 31.61 -3.54
N GLN A 641 0.08 32.57 -2.62
CA GLN A 641 1.27 33.07 -1.95
C GLN A 641 1.95 31.97 -1.14
N GLU A 642 1.17 31.14 -0.46
CA GLU A 642 1.74 30.04 0.31
C GLU A 642 2.44 29.05 -0.61
N ILE A 643 1.83 28.72 -1.74
CA ILE A 643 2.46 27.79 -2.69
C ILE A 643 3.75 28.38 -3.23
N GLU A 644 3.74 29.67 -3.56
CA GLU A 644 4.95 30.32 -4.06
C GLU A 644 6.05 30.28 -3.02
N ARG A 645 5.71 30.54 -1.75
CA ARG A 645 6.71 30.47 -0.69
C ARG A 645 7.25 29.05 -0.55
N ARG A 646 6.38 28.05 -0.63
CA ARG A 646 6.82 26.67 -0.49
C ARG A 646 7.77 26.28 -1.62
N ARG A 647 7.47 26.72 -2.85
CA ARG A 647 8.33 26.39 -3.98
C ARG A 647 9.72 27.00 -3.81
N ASN A 648 9.79 28.23 -3.31
CA ASN A 648 11.05 28.95 -3.14
C ASN A 648 11.54 28.74 -1.72
N THR A 649 12.12 27.57 -1.48
CA THR A 649 12.73 27.21 -0.21
C THR A 649 14.05 26.49 -0.50
N PRO A 650 15.13 26.80 0.22
CA PRO A 650 16.38 26.07 -0.01
C PRO A 650 16.28 24.63 0.47
N PHE A 651 17.20 23.81 -0.05
CA PHE A 651 17.20 22.37 0.26
C PHE A 651 17.42 22.11 1.74
N HIS A 652 18.33 22.87 2.37
CA HIS A 652 18.70 22.56 3.75
C HIS A 652 17.53 22.74 4.70
N GLU A 653 16.65 23.72 4.42
CA GLU A 653 15.45 23.87 5.24
C GLU A 653 14.56 22.64 5.14
N ARG A 654 14.40 22.10 3.92
CA ARG A 654 13.57 20.91 3.75
C ARG A 654 14.16 19.72 4.50
N PHE A 655 15.49 19.55 4.41
CA PHE A 655 16.12 18.45 5.13
C PHE A 655 15.96 18.60 6.63
N PHE A 656 16.12 19.83 7.14
CA PHE A 656 15.96 20.06 8.56
C PHE A 656 14.53 19.77 9.02
N ARG A 657 13.54 20.17 8.23
CA ARG A 657 12.15 19.89 8.59
C ARG A 657 11.88 18.39 8.58
N PHE A 658 12.44 17.67 7.62
CA PHE A 658 12.28 16.22 7.58
C PHE A 658 12.85 15.58 8.84
N LEU A 659 14.05 15.99 9.22
CA LEU A 659 14.67 15.42 10.41
C LEU A 659 13.88 15.74 11.67
N LEU A 660 13.38 16.99 11.77
CA LEU A 660 12.60 17.36 12.94
C LEU A 660 11.30 16.57 13.02
N ARG A 661 10.64 16.35 11.89
CA ARG A 661 9.41 15.56 11.89
C ARG A 661 9.68 14.14 12.36
N LYS A 662 10.74 13.52 11.85
CA LYS A 662 11.04 12.16 12.28
C LYS A 662 11.40 12.10 13.76
N LEU A 663 12.15 13.10 14.25
CA LEU A 663 12.48 13.14 15.67
C LEU A 663 11.21 13.26 16.51
N TYR A 664 10.24 14.06 16.04
CA TYR A 664 8.97 14.16 16.75
C TYR A 664 8.25 12.82 16.80
N VAL A 665 8.26 12.09 15.68
CA VAL A 665 7.59 10.79 15.64
C VAL A 665 8.20 9.84 16.67
N PHE A 666 9.54 9.75 16.67
CA PHE A 666 10.21 8.84 17.60
C PHE A 666 9.97 9.25 19.05
N ARG A 667 10.01 10.55 19.34
CA ARG A 667 9.82 11.01 20.71
C ARG A 667 8.41 10.70 21.20
N ARG A 668 7.41 10.93 20.36
CA ARG A 668 6.04 10.60 20.75
C ARG A 668 5.90 9.12 21.03
N SER A 669 6.50 8.27 20.18
CA SER A 669 6.43 6.84 20.40
C SER A 669 7.02 6.46 21.75
N PHE A 670 8.21 6.98 22.05
CA PHE A 670 8.88 6.62 23.30
C PHE A 670 8.07 7.06 24.52
N LEU A 671 7.60 8.32 24.51
CA LEU A 671 6.88 8.82 25.67
C LEU A 671 5.58 8.08 25.90
N MET A 672 4.82 7.80 24.83
CA MET A 672 3.58 7.07 25.00
C MET A 672 3.83 5.66 25.52
N THR A 673 4.88 5.00 25.02
CA THR A 673 5.19 3.66 25.52
C THR A 673 5.54 3.69 26.99
N CYS A 674 6.30 4.69 27.42
CA CYS A 674 6.64 4.80 28.84
C CYS A 674 5.39 5.01 29.69
N ILE A 675 4.48 5.88 29.23
CA ILE A 675 3.25 6.12 29.98
C ILE A 675 2.44 4.83 30.10
N SER A 676 2.35 4.08 29.00
CA SER A 676 1.58 2.83 29.03
C SER A 676 2.18 1.81 29.98
N LEU A 677 3.51 1.66 29.96
CA LEU A 677 4.14 0.69 30.86
C LEU A 677 3.95 1.08 32.32
N ARG A 678 4.07 2.38 32.62
CA ARG A 678 3.83 2.83 33.98
C ARG A 678 2.39 2.55 34.39
N ASN A 679 1.44 2.75 33.47
CA ASN A 679 0.06 2.41 33.77
C ASN A 679 -0.08 0.93 34.08
N LEU A 680 0.65 0.08 33.35
CA LEU A 680 0.56 -1.35 33.58
C LEU A 680 1.07 -1.73 34.95
N ILE A 681 2.23 -1.20 35.35
CA ILE A 681 2.93 -1.76 36.51
C ILE A 681 2.47 -1.09 37.81
N LEU A 682 2.72 0.20 37.95
CA LEU A 682 2.46 0.86 39.23
C LEU A 682 0.98 1.15 39.45
N GLY A 683 0.29 1.62 38.43
CA GLY A 683 -1.11 1.95 38.51
C GLY A 683 -1.42 3.15 37.65
N ARG A 684 -2.65 3.62 37.74
CA ARG A 684 -3.15 4.73 36.93
C ARG A 684 -3.30 5.98 37.81
N PRO A 685 -2.54 7.07 37.61
CA PRO A 685 -2.76 8.25 38.44
C PRO A 685 -4.06 8.97 38.13
N SER A 686 -4.29 10.09 38.80
CA SER A 686 -5.51 10.87 38.60
C SER A 686 -5.61 11.38 37.17
N LEU A 687 -6.81 11.83 36.80
CA LEU A 687 -7.08 12.23 35.42
C LEU A 687 -6.25 13.44 35.03
N GLU A 688 -6.07 14.38 35.95
CA GLU A 688 -5.32 15.59 35.64
C GLU A 688 -3.87 15.27 35.29
N GLN A 689 -3.26 14.36 36.04
CA GLN A 689 -1.88 13.98 35.75
C GLN A 689 -1.77 13.29 34.39
N LEU A 690 -2.74 12.43 34.07
CA LEU A 690 -2.73 11.78 32.77
C LEU A 690 -2.87 12.81 31.64
N ALA A 691 -3.76 13.77 31.81
CA ALA A 691 -3.93 14.81 30.79
C ALA A 691 -2.65 15.61 30.62
N GLN A 692 -2.00 15.98 31.72
CA GLN A 692 -0.76 16.73 31.62
C GLN A 692 0.33 15.92 30.93
N GLU A 693 0.45 14.63 31.26
CA GLU A 693 1.45 13.78 30.61
C GLU A 693 1.18 13.65 29.13
N VAL A 694 -0.09 13.44 28.75
CA VAL A 694 -0.43 13.31 27.33
C VAL A 694 -0.13 14.61 26.60
N THR A 695 -0.40 15.75 27.24
CA THR A 695 -0.03 17.03 26.65
C THR A 695 1.48 17.12 26.45
N TYR A 696 2.25 16.63 27.43
CA TYR A 696 3.70 16.65 27.29
C TYR A 696 4.16 15.79 26.13
N ALA A 697 3.50 14.64 25.93
CA ALA A 697 3.87 13.76 24.83
C ALA A 697 3.67 14.43 23.48
N ASN A 698 2.53 15.12 23.30
CA ASN A 698 2.21 15.78 22.04
C ASN A 698 2.73 17.22 22.05
N LEU A 699 4.05 17.34 22.10
CA LEU A 699 4.74 18.63 22.10
C LEU A 699 5.81 18.61 21.02
N ARG A 700 5.78 19.61 20.15
CA ARG A 700 6.73 19.66 19.04
C ARG A 700 8.15 19.84 19.58
N PRO A 701 9.15 19.14 19.03
CA PRO A 701 10.51 19.30 19.59
C PRO A 701 11.08 20.70 19.43
N PHE A 702 11.03 21.24 18.22
CA PHE A 702 11.71 22.50 17.89
C PHE A 702 13.19 22.45 18.28
N LEU B 3 -24.86 9.46 11.31
CA LEU B 3 -24.31 8.62 10.25
C LEU B 3 -25.27 8.50 9.07
N PHE B 4 -26.56 8.68 9.33
CA PHE B 4 -27.55 8.58 8.27
C PHE B 4 -27.41 9.75 7.29
N ILE B 5 -27.72 9.47 6.03
CA ILE B 5 -27.57 10.44 4.94
C ILE B 5 -28.83 10.41 4.09
N ARG B 6 -29.13 11.53 3.46
CA ARG B 6 -30.38 11.67 2.71
C ARG B 6 -30.34 10.86 1.42
N ARG B 7 -31.53 10.68 0.84
CA ARG B 7 -31.64 9.97 -0.44
C ARG B 7 -30.89 10.70 -1.54
N GLU B 8 -31.00 12.03 -1.59
CA GLU B 8 -30.39 12.79 -2.66
C GLU B 8 -28.87 12.67 -2.64
N GLN B 9 -28.26 12.73 -1.45
CA GLN B 9 -26.81 12.70 -1.36
C GLN B 9 -26.25 11.30 -1.59
N ALA B 10 -27.06 10.26 -1.48
CA ALA B 10 -26.61 8.90 -1.66
C ALA B 10 -26.75 8.38 -3.08
N ASN B 11 -27.41 9.14 -3.97
CA ASN B 11 -27.60 8.78 -5.37
C ASN B 11 -26.99 9.82 -6.29
N ASN B 12 -25.92 10.47 -5.85
CA ASN B 12 -25.24 11.52 -6.60
C ASN B 12 -23.93 10.91 -7.11
N ILE B 13 -24.01 10.25 -8.27
CA ILE B 13 -22.83 9.62 -8.84
C ILE B 13 -21.82 10.68 -9.28
N LEU B 14 -22.30 11.73 -9.95
CA LEU B 14 -21.44 12.79 -10.47
C LEU B 14 -21.15 13.78 -9.34
N ALA B 15 -20.25 13.38 -8.46
CA ALA B 15 -19.78 14.21 -7.35
C ALA B 15 -18.27 14.24 -7.37
N ARG B 16 -17.70 15.38 -6.98
CA ARG B 16 -16.26 15.58 -7.04
C ARG B 16 -15.58 14.65 -6.06
N VAL B 17 -14.82 13.69 -6.58
CA VAL B 17 -14.06 12.72 -5.78
C VAL B 17 -12.58 13.01 -5.95
N THR B 18 -11.79 12.50 -5.00
CA THR B 18 -10.33 12.65 -5.02
C THR B 18 -9.76 11.68 -6.06
N ARG B 19 -9.73 12.13 -7.31
CA ARG B 19 -9.23 11.31 -8.40
C ARG B 19 -7.76 10.98 -8.17
N ALA B 20 -7.43 9.69 -8.24
CA ALA B 20 -6.08 9.19 -8.08
C ALA B 20 -6.09 7.69 -8.33
N ASN B 21 -4.90 7.12 -8.45
CA ASN B 21 -4.73 5.68 -8.61
C ASN B 21 -4.68 5.02 -7.23
N SER B 22 -4.48 3.70 -7.22
CA SER B 22 -4.42 2.92 -5.99
C SER B 22 -3.34 1.84 -6.13
N PHE B 23 -2.13 2.16 -5.68
CA PHE B 23 -1.09 1.16 -5.49
C PHE B 23 -1.17 0.70 -4.05
N LEU B 24 -1.72 -0.51 -3.85
CA LEU B 24 -1.97 -0.99 -2.50
C LEU B 24 -0.69 -1.18 -1.70
N GLU B 25 0.45 -1.33 -2.37
CA GLU B 25 1.75 -1.44 -1.69
C GLU B 25 2.36 -0.05 -1.49
N GLU B 26 1.69 0.73 -0.63
CA GLU B 26 2.21 2.03 -0.23
C GLU B 26 1.73 2.34 1.17
N MET B 27 2.67 2.71 2.03
CA MET B 27 2.33 3.11 3.39
C MET B 27 1.46 4.37 3.38
N LYS B 28 0.45 4.39 4.24
CA LYS B 28 -0.40 5.56 4.38
C LYS B 28 0.34 6.65 5.14
N LYS B 29 -0.03 7.91 4.88
CA LYS B 29 0.67 9.05 5.46
C LYS B 29 0.60 9.01 6.99
N GLY B 30 -0.58 8.74 7.54
CA GLY B 30 -0.74 8.61 8.97
C GLY B 30 -0.94 9.94 9.67
N HIS B 31 0.04 10.83 9.56
CA HIS B 31 -0.03 12.14 10.18
C HIS B 31 -0.69 13.14 9.23
N LEU B 32 -0.95 14.33 9.76
CA LEU B 32 -1.57 15.39 8.99
C LEU B 32 -1.23 16.73 9.65
N GLU B 33 -1.59 17.82 8.98
CA GLU B 33 -1.32 19.16 9.48
C GLU B 33 -2.08 19.42 10.77
#